data_3SHB
# 
_entry.id   3SHB 
# 
_audit_conform.dict_name       mmcif_pdbx.dic 
_audit_conform.dict_version    5.388 
_audit_conform.dict_location   http://mmcif.pdb.org/dictionaries/ascii/mmcif_pdbx.dic 
# 
loop_
_database_2.database_id 
_database_2.database_code 
_database_2.pdbx_database_accession 
_database_2.pdbx_DOI 
PDB   3SHB         pdb_00003shb 10.2210/pdb3shb/pdb 
RCSB  RCSB066201   ?            ?                   
WWPDB D_1000066201 ?            ?                   
# 
loop_
_pdbx_audit_revision_history.ordinal 
_pdbx_audit_revision_history.data_content_type 
_pdbx_audit_revision_history.major_revision 
_pdbx_audit_revision_history.minor_revision 
_pdbx_audit_revision_history.revision_date 
1 'Structure model' 1 0 2011-08-24 
2 'Structure model' 1 1 2024-03-20 
# 
_pdbx_audit_revision_details.ordinal             1 
_pdbx_audit_revision_details.revision_ordinal    1 
_pdbx_audit_revision_details.data_content_type   'Structure model' 
_pdbx_audit_revision_details.provider            repository 
_pdbx_audit_revision_details.type                'Initial release' 
_pdbx_audit_revision_details.description         ? 
_pdbx_audit_revision_details.details             ? 
# 
loop_
_pdbx_audit_revision_group.ordinal 
_pdbx_audit_revision_group.revision_ordinal 
_pdbx_audit_revision_group.data_content_type 
_pdbx_audit_revision_group.group 
1 2 'Structure model' 'Data collection'      
2 2 'Structure model' 'Database references'  
3 2 'Structure model' 'Derived calculations' 
# 
loop_
_pdbx_audit_revision_category.ordinal 
_pdbx_audit_revision_category.revision_ordinal 
_pdbx_audit_revision_category.data_content_type 
_pdbx_audit_revision_category.category 
1 2 'Structure model' chem_comp_atom         
2 2 'Structure model' chem_comp_bond         
3 2 'Structure model' database_2             
4 2 'Structure model' pdbx_struct_conn_angle 
5 2 'Structure model' struct_conn            
6 2 'Structure model' struct_ref_seq_dif     
7 2 'Structure model' struct_site            
# 
loop_
_pdbx_audit_revision_item.ordinal 
_pdbx_audit_revision_item.revision_ordinal 
_pdbx_audit_revision_item.data_content_type 
_pdbx_audit_revision_item.item 
1  2 'Structure model' '_database_2.pdbx_DOI'                        
2  2 'Structure model' '_database_2.pdbx_database_accession'         
3  2 'Structure model' '_pdbx_struct_conn_angle.ptnr1_auth_comp_id'  
4  2 'Structure model' '_pdbx_struct_conn_angle.ptnr1_auth_seq_id'   
5  2 'Structure model' '_pdbx_struct_conn_angle.ptnr1_label_atom_id' 
6  2 'Structure model' '_pdbx_struct_conn_angle.ptnr1_label_comp_id' 
7  2 'Structure model' '_pdbx_struct_conn_angle.ptnr1_label_seq_id'  
8  2 'Structure model' '_pdbx_struct_conn_angle.ptnr2_auth_seq_id'   
9  2 'Structure model' '_pdbx_struct_conn_angle.ptnr2_label_asym_id' 
10 2 'Structure model' '_pdbx_struct_conn_angle.ptnr3_auth_comp_id'  
11 2 'Structure model' '_pdbx_struct_conn_angle.ptnr3_auth_seq_id'   
12 2 'Structure model' '_pdbx_struct_conn_angle.ptnr3_label_atom_id' 
13 2 'Structure model' '_pdbx_struct_conn_angle.ptnr3_label_comp_id' 
14 2 'Structure model' '_pdbx_struct_conn_angle.ptnr3_label_seq_id'  
15 2 'Structure model' '_pdbx_struct_conn_angle.value'               
16 2 'Structure model' '_struct_conn.pdbx_dist_value'                
17 2 'Structure model' '_struct_conn.ptnr1_auth_comp_id'             
18 2 'Structure model' '_struct_conn.ptnr1_auth_seq_id'              
19 2 'Structure model' '_struct_conn.ptnr1_label_atom_id'            
20 2 'Structure model' '_struct_conn.ptnr1_label_comp_id'            
21 2 'Structure model' '_struct_conn.ptnr1_label_seq_id'             
22 2 'Structure model' '_struct_conn.ptnr2_auth_seq_id'              
23 2 'Structure model' '_struct_conn.ptnr2_label_asym_id'            
24 2 'Structure model' '_struct_ref_seq_dif.details'                 
25 2 'Structure model' '_struct_site.pdbx_auth_asym_id'              
26 2 'Structure model' '_struct_site.pdbx_auth_comp_id'              
27 2 'Structure model' '_struct_site.pdbx_auth_seq_id'               
# 
_pdbx_database_status.status_code                     REL 
_pdbx_database_status.entry_id                        3SHB 
_pdbx_database_status.recvd_initial_deposition_date   2011-06-16 
_pdbx_database_status.deposit_site                    RCSB 
_pdbx_database_status.process_site                    PDBJ 
_pdbx_database_status.status_code_sf                  REL 
_pdbx_database_status.status_code_mr                  ? 
_pdbx_database_status.SG_entry                        ? 
_pdbx_database_status.status_code_cs                  ? 
_pdbx_database_status.pdb_format_compatible           Y 
_pdbx_database_status.status_code_nmr_data            ? 
_pdbx_database_status.methods_development_category    ? 
# 
loop_
_audit_author.name 
_audit_author.pdbx_ordinal 
'Hu, L.'   1 
'Li, Z.'   2 
'Wang, P.' 3 
'Lin, Y.'  4 
'Xu, Y.'   5 
# 
_citation.id                        primary 
_citation.title                     
'Crystal structure of PHD domain of UHRF1 and insights into recognition of unmodified histone H3 arginine residue 2.' 
_citation.journal_abbrev            'Cell Res.' 
_citation.journal_volume            ? 
_citation.page_first                ? 
_citation.page_last                 ? 
_citation.year                      2011 
_citation.journal_id_ASTM           ? 
_citation.country                   CN 
_citation.journal_id_ISSN           1001-0602 
_citation.journal_id_CSD            ? 
_citation.book_publisher            ? 
_citation.pdbx_database_id_PubMed   21808300 
_citation.pdbx_database_id_DOI      10.1038/cr.2011.124 
# 
loop_
_citation_author.citation_id 
_citation_author.name 
_citation_author.ordinal 
_citation_author.identifier_ORCID 
primary 'Hu, L.'   1 ? 
primary 'Li, Z.'   2 ? 
primary 'Wang, P.' 3 ? 
primary 'Lin, Y.'  4 ? 
primary 'Xu, Y.'   5 ? 
# 
loop_
_entity.id 
_entity.type 
_entity.src_method 
_entity.pdbx_description 
_entity.formula_weight 
_entity.pdbx_number_of_molecules 
_entity.pdbx_ec 
_entity.pdbx_mutation 
_entity.pdbx_fragment 
_entity.details 
1 polymer     man 'E3 ubiquitin-protein ligase UHRF1' 8634.755 1  6.3.2.- ? 'PHD domain (UNP RESIDUES 298-366)' ? 
2 polymer     syn 'Histone H3 peptide'                1308.488 1  ?       ? ?                                   ? 
3 non-polymer syn 'ZINC ION'                          65.409   4  ?       ? ?                                   ? 
4 water       nat water                               18.015   66 ?       ? ?                                   ? 
# 
_entity_name_com.entity_id   1 
_entity_name_com.name        
;Inverted CCAAT box-binding protein of 90 kDa, Nuclear protein 95, Nuclear zinc finger protein Np95, HuNp95, RING finger protein 106, Transcription factor ICBP90, Ubiquitin-like PHD and RING finger domain-containing protein 1, Ubiquitin-like-containing PHD and RING finger domains protein 1
;
# 
loop_
_entity_poly.entity_id 
_entity_poly.type 
_entity_poly.nstd_linkage 
_entity_poly.nstd_monomer 
_entity_poly.pdbx_seq_one_letter_code 
_entity_poly.pdbx_seq_one_letter_code_can 
_entity_poly.pdbx_strand_id 
_entity_poly.pdbx_target_identifier 
1 'polypeptide(L)' no no GPLGSPEFSGPSCKHCKDDVNRLCRVCACHLCGGRQDPDKQLMCDECDMAFHIYCLDPPLSSVPSEDEWYCPECRND 
GPLGSPEFSGPSCKHCKDDVNRLCRVCACHLCGGRQDPDKQLMCDECDMAFHIYCLDPPLSSVPSEDEWYCPECRND A ? 
2 'polypeptide(L)' no no ARTKQTARKSTG                                                                  ARTKQTARKSTG B ? 
# 
loop_
_pdbx_entity_nonpoly.entity_id 
_pdbx_entity_nonpoly.name 
_pdbx_entity_nonpoly.comp_id 
3 'ZINC ION' ZN  
4 water      HOH 
# 
loop_
_entity_poly_seq.entity_id 
_entity_poly_seq.num 
_entity_poly_seq.mon_id 
_entity_poly_seq.hetero 
1 1  GLY n 
1 2  PRO n 
1 3  LEU n 
1 4  GLY n 
1 5  SER n 
1 6  PRO n 
1 7  GLU n 
1 8  PHE n 
1 9  SER n 
1 10 GLY n 
1 11 PRO n 
1 12 SER n 
1 13 CYS n 
1 14 LYS n 
1 15 HIS n 
1 16 CYS n 
1 17 LYS n 
1 18 ASP n 
1 19 ASP n 
1 20 VAL n 
1 21 ASN n 
1 22 ARG n 
1 23 LEU n 
1 24 CYS n 
1 25 ARG n 
1 26 VAL n 
1 27 CYS n 
1 28 ALA n 
1 29 CYS n 
1 30 HIS n 
1 31 LEU n 
1 32 CYS n 
1 33 GLY n 
1 34 GLY n 
1 35 ARG n 
1 36 GLN n 
1 37 ASP n 
1 38 PRO n 
1 39 ASP n 
1 40 LYS n 
1 41 GLN n 
1 42 LEU n 
1 43 MET n 
1 44 CYS n 
1 45 ASP n 
1 46 GLU n 
1 47 CYS n 
1 48 ASP n 
1 49 MET n 
1 50 ALA n 
1 51 PHE n 
1 52 HIS n 
1 53 ILE n 
1 54 TYR n 
1 55 CYS n 
1 56 LEU n 
1 57 ASP n 
1 58 PRO n 
1 59 PRO n 
1 60 LEU n 
1 61 SER n 
1 62 SER n 
1 63 VAL n 
1 64 PRO n 
1 65 SER n 
1 66 GLU n 
1 67 ASP n 
1 68 GLU n 
1 69 TRP n 
1 70 TYR n 
1 71 CYS n 
1 72 PRO n 
1 73 GLU n 
1 74 CYS n 
1 75 ARG n 
1 76 ASN n 
1 77 ASP n 
2 1  ALA n 
2 2  ARG n 
2 3  THR n 
2 4  LYS n 
2 5  GLN n 
2 6  THR n 
2 7  ALA n 
2 8  ARG n 
2 9  LYS n 
2 10 SER n 
2 11 THR n 
2 12 GLY n 
# 
_entity_src_gen.entity_id                          1 
_entity_src_gen.pdbx_src_id                        1 
_entity_src_gen.pdbx_alt_source_flag               sample 
_entity_src_gen.pdbx_seq_type                      ? 
_entity_src_gen.pdbx_beg_seq_num                   ? 
_entity_src_gen.pdbx_end_seq_num                   ? 
_entity_src_gen.gene_src_common_name               human 
_entity_src_gen.gene_src_genus                     ? 
_entity_src_gen.pdbx_gene_src_gene                 'UHRF1, ICBP90, NP95, RNF106' 
_entity_src_gen.gene_src_species                   ? 
_entity_src_gen.gene_src_strain                    ? 
_entity_src_gen.gene_src_tissue                    ? 
_entity_src_gen.gene_src_tissue_fraction           ? 
_entity_src_gen.gene_src_details                   ? 
_entity_src_gen.pdbx_gene_src_fragment             ? 
_entity_src_gen.pdbx_gene_src_scientific_name      'Homo sapiens' 
_entity_src_gen.pdbx_gene_src_ncbi_taxonomy_id     9606 
_entity_src_gen.pdbx_gene_src_variant              ? 
_entity_src_gen.pdbx_gene_src_cell_line            ? 
_entity_src_gen.pdbx_gene_src_atcc                 ? 
_entity_src_gen.pdbx_gene_src_organ                ? 
_entity_src_gen.pdbx_gene_src_organelle            ? 
_entity_src_gen.pdbx_gene_src_cell                 ? 
_entity_src_gen.pdbx_gene_src_cellular_location    ? 
_entity_src_gen.host_org_common_name               ? 
_entity_src_gen.pdbx_host_org_scientific_name      'Escherichia coli' 
_entity_src_gen.pdbx_host_org_ncbi_taxonomy_id     562 
_entity_src_gen.host_org_genus                     ? 
_entity_src_gen.pdbx_host_org_gene                 ? 
_entity_src_gen.pdbx_host_org_organ                ? 
_entity_src_gen.host_org_species                   ? 
_entity_src_gen.pdbx_host_org_tissue               ? 
_entity_src_gen.pdbx_host_org_tissue_fraction      ? 
_entity_src_gen.pdbx_host_org_strain               'BL21(DE3)' 
_entity_src_gen.pdbx_host_org_variant              ? 
_entity_src_gen.pdbx_host_org_cell_line            ? 
_entity_src_gen.pdbx_host_org_atcc                 ? 
_entity_src_gen.pdbx_host_org_culture_collection   ? 
_entity_src_gen.pdbx_host_org_cell                 ? 
_entity_src_gen.pdbx_host_org_organelle            ? 
_entity_src_gen.pdbx_host_org_cellular_location    ? 
_entity_src_gen.pdbx_host_org_vector_type          plasmid 
_entity_src_gen.pdbx_host_org_vector               ? 
_entity_src_gen.host_org_details                   ? 
_entity_src_gen.expression_system_id               ? 
_entity_src_gen.plasmid_name                       pETDUET 
_entity_src_gen.plasmid_details                    ? 
_entity_src_gen.pdbx_description                   ? 
# 
_pdbx_entity_src_syn.entity_id              2 
_pdbx_entity_src_syn.pdbx_src_id            1 
_pdbx_entity_src_syn.pdbx_alt_source_flag   sample 
_pdbx_entity_src_syn.pdbx_beg_seq_num       ? 
_pdbx_entity_src_syn.pdbx_end_seq_num       ? 
_pdbx_entity_src_syn.organism_scientific    'Homo sapiens' 
_pdbx_entity_src_syn.organism_common_name   human 
_pdbx_entity_src_syn.ncbi_taxonomy_id       9606 
_pdbx_entity_src_syn.details                'The peptide was chemically synthesized.' 
# 
loop_
_chem_comp.id 
_chem_comp.type 
_chem_comp.mon_nstd_flag 
_chem_comp.name 
_chem_comp.pdbx_synonyms 
_chem_comp.formula 
_chem_comp.formula_weight 
ALA 'L-peptide linking' y ALANINE         ? 'C3 H7 N O2'     89.093  
ARG 'L-peptide linking' y ARGININE        ? 'C6 H15 N4 O2 1' 175.209 
ASN 'L-peptide linking' y ASPARAGINE      ? 'C4 H8 N2 O3'    132.118 
ASP 'L-peptide linking' y 'ASPARTIC ACID' ? 'C4 H7 N O4'     133.103 
CYS 'L-peptide linking' y CYSTEINE        ? 'C3 H7 N O2 S'   121.158 
GLN 'L-peptide linking' y GLUTAMINE       ? 'C5 H10 N2 O3'   146.144 
GLU 'L-peptide linking' y 'GLUTAMIC ACID' ? 'C5 H9 N O4'     147.129 
GLY 'peptide linking'   y GLYCINE         ? 'C2 H5 N O2'     75.067  
HIS 'L-peptide linking' y HISTIDINE       ? 'C6 H10 N3 O2 1' 156.162 
HOH non-polymer         . WATER           ? 'H2 O'           18.015  
ILE 'L-peptide linking' y ISOLEUCINE      ? 'C6 H13 N O2'    131.173 
LEU 'L-peptide linking' y LEUCINE         ? 'C6 H13 N O2'    131.173 
LYS 'L-peptide linking' y LYSINE          ? 'C6 H15 N2 O2 1' 147.195 
MET 'L-peptide linking' y METHIONINE      ? 'C5 H11 N O2 S'  149.211 
PHE 'L-peptide linking' y PHENYLALANINE   ? 'C9 H11 N O2'    165.189 
PRO 'L-peptide linking' y PROLINE         ? 'C5 H9 N O2'     115.130 
SER 'L-peptide linking' y SERINE          ? 'C3 H7 N O3'     105.093 
THR 'L-peptide linking' y THREONINE       ? 'C4 H9 N O3'     119.119 
TRP 'L-peptide linking' y TRYPTOPHAN      ? 'C11 H12 N2 O2'  204.225 
TYR 'L-peptide linking' y TYROSINE        ? 'C9 H11 N O3'    181.189 
VAL 'L-peptide linking' y VALINE          ? 'C5 H11 N O2'    117.146 
ZN  non-polymer         . 'ZINC ION'      ? 'Zn 2'           65.409  
# 
loop_
_pdbx_poly_seq_scheme.asym_id 
_pdbx_poly_seq_scheme.entity_id 
_pdbx_poly_seq_scheme.seq_id 
_pdbx_poly_seq_scheme.mon_id 
_pdbx_poly_seq_scheme.ndb_seq_num 
_pdbx_poly_seq_scheme.pdb_seq_num 
_pdbx_poly_seq_scheme.auth_seq_num 
_pdbx_poly_seq_scheme.pdb_mon_id 
_pdbx_poly_seq_scheme.auth_mon_id 
_pdbx_poly_seq_scheme.pdb_strand_id 
_pdbx_poly_seq_scheme.pdb_ins_code 
_pdbx_poly_seq_scheme.hetero 
A 1 1  GLY 1  303 ?   ?   ?   A . n 
A 1 2  PRO 2  304 ?   ?   ?   A . n 
A 1 3  LEU 3  305 ?   ?   ?   A . n 
A 1 4  GLY 4  306 ?   ?   ?   A . n 
A 1 5  SER 5  307 ?   ?   ?   A . n 
A 1 6  PRO 6  308 ?   ?   ?   A . n 
A 1 7  GLU 7  309 ?   ?   ?   A . n 
A 1 8  PHE 8  310 ?   ?   ?   A . n 
A 1 9  SER 9  311 311 SER SER A . n 
A 1 10 GLY 10 312 312 GLY GLY A . n 
A 1 11 PRO 11 313 313 PRO PRO A . n 
A 1 12 SER 12 314 314 SER SER A . n 
A 1 13 CYS 13 315 315 CYS CYS A . n 
A 1 14 LYS 14 316 316 LYS LYS A . n 
A 1 15 HIS 15 317 317 HIS HIS A . n 
A 1 16 CYS 16 318 318 CYS CYS A . n 
A 1 17 LYS 17 319 319 LYS LYS A . n 
A 1 18 ASP 18 320 320 ASP ASP A . n 
A 1 19 ASP 19 321 321 ASP ASP A . n 
A 1 20 VAL 20 322 322 VAL VAL A . n 
A 1 21 ASN 21 323 323 ASN ASN A . n 
A 1 22 ARG 22 324 324 ARG ARG A . n 
A 1 23 LEU 23 325 325 LEU LEU A . n 
A 1 24 CYS 24 326 326 CYS CYS A . n 
A 1 25 ARG 25 327 327 ARG ARG A . n 
A 1 26 VAL 26 328 328 VAL VAL A . n 
A 1 27 CYS 27 329 329 CYS CYS A . n 
A 1 28 ALA 28 330 330 ALA ALA A . n 
A 1 29 CYS 29 331 331 CYS CYS A . n 
A 1 30 HIS 30 332 332 HIS HIS A . n 
A 1 31 LEU 31 333 333 LEU LEU A . n 
A 1 32 CYS 32 334 334 CYS CYS A . n 
A 1 33 GLY 33 335 335 GLY GLY A . n 
A 1 34 GLY 34 336 336 GLY GLY A . n 
A 1 35 ARG 35 337 337 ARG ARG A . n 
A 1 36 GLN 36 338 338 GLN GLN A . n 
A 1 37 ASP 37 339 339 ASP ASP A . n 
A 1 38 PRO 38 340 340 PRO PRO A . n 
A 1 39 ASP 39 341 341 ASP ASP A . n 
A 1 40 LYS 40 342 342 LYS LYS A . n 
A 1 41 GLN 41 343 343 GLN GLN A . n 
A 1 42 LEU 42 344 344 LEU LEU A . n 
A 1 43 MET 43 345 345 MET MET A . n 
A 1 44 CYS 44 346 346 CYS CYS A . n 
A 1 45 ASP 45 347 347 ASP ASP A . n 
A 1 46 GLU 46 348 348 GLU GLU A . n 
A 1 47 CYS 47 349 349 CYS CYS A . n 
A 1 48 ASP 48 350 350 ASP ASP A . n 
A 1 49 MET 49 351 351 MET MET A . n 
A 1 50 ALA 50 352 352 ALA ALA A . n 
A 1 51 PHE 51 353 353 PHE PHE A . n 
A 1 52 HIS 52 354 354 HIS HIS A . n 
A 1 53 ILE 53 355 355 ILE ILE A . n 
A 1 54 TYR 54 356 356 TYR TYR A . n 
A 1 55 CYS 55 357 357 CYS CYS A . n 
A 1 56 LEU 56 358 358 LEU LEU A . n 
A 1 57 ASP 57 359 359 ASP ASP A . n 
A 1 58 PRO 58 360 360 PRO PRO A . n 
A 1 59 PRO 59 361 361 PRO PRO A . n 
A 1 60 LEU 60 362 362 LEU LEU A . n 
A 1 61 SER 61 363 363 SER SER A . n 
A 1 62 SER 62 364 364 SER SER A . n 
A 1 63 VAL 63 365 365 VAL VAL A . n 
A 1 64 PRO 64 366 366 PRO PRO A . n 
A 1 65 SER 65 367 367 SER SER A . n 
A 1 66 GLU 66 368 368 GLU GLU A . n 
A 1 67 ASP 67 369 369 ASP ASP A . n 
A 1 68 GLU 68 370 370 GLU GLU A . n 
A 1 69 TRP 69 371 371 TRP TRP A . n 
A 1 70 TYR 70 372 372 TYR TYR A . n 
A 1 71 CYS 71 373 373 CYS CYS A . n 
A 1 72 PRO 72 374 374 PRO PRO A . n 
A 1 73 GLU 73 375 375 GLU GLU A . n 
A 1 74 CYS 74 376 376 CYS CYS A . n 
A 1 75 ARG 75 377 377 ARG ARG A . n 
A 1 76 ASN 76 378 ?   ?   ?   A . n 
A 1 77 ASP 77 379 ?   ?   ?   A . n 
B 2 1  ALA 1  1   1   ALA ALA B . n 
B 2 2  ARG 2  2   2   ARG ARG B . n 
B 2 3  THR 3  3   3   THR THR B . n 
B 2 4  LYS 4  4   4   LYS LYS B . n 
B 2 5  GLN 5  5   5   GLN GLN B . n 
B 2 6  THR 6  6   6   THR THR B . n 
B 2 7  ALA 7  7   7   ALA ALA B . n 
B 2 8  ARG 8  8   ?   ?   ?   B . n 
B 2 9  LYS 9  9   ?   ?   ?   B . n 
B 2 10 SER 10 10  ?   ?   ?   B . n 
B 2 11 THR 11 11  ?   ?   ?   B . n 
B 2 12 GLY 12 12  ?   ?   ?   B . n 
# 
loop_
_pdbx_nonpoly_scheme.asym_id 
_pdbx_nonpoly_scheme.entity_id 
_pdbx_nonpoly_scheme.mon_id 
_pdbx_nonpoly_scheme.ndb_seq_num 
_pdbx_nonpoly_scheme.pdb_seq_num 
_pdbx_nonpoly_scheme.auth_seq_num 
_pdbx_nonpoly_scheme.pdb_mon_id 
_pdbx_nonpoly_scheme.auth_mon_id 
_pdbx_nonpoly_scheme.pdb_strand_id 
_pdbx_nonpoly_scheme.pdb_ins_code 
C 3 ZN  1  1001 1001 ZN  ZN  A . 
D 3 ZN  1  1002 1002 ZN  ZN  A . 
E 3 ZN  1  1003 1003 ZN  ZN  A . 
F 3 ZN  1  1004 1004 ZN  ZN  A . 
G 4 HOH 1  2001 2001 HOH HOH A . 
G 4 HOH 2  2002 2002 HOH HOH A . 
G 4 HOH 3  2003 2003 HOH HOH A . 
G 4 HOH 4  2005 2005 HOH HOH A . 
G 4 HOH 5  2006 2006 HOH HOH A . 
G 4 HOH 6  2007 2007 HOH HOH A . 
G 4 HOH 7  2008 2008 HOH HOH A . 
G 4 HOH 8  2009 2009 HOH HOH A . 
G 4 HOH 9  2010 2010 HOH HOH A . 
G 4 HOH 10 2011 2011 HOH HOH A . 
G 4 HOH 11 2012 2012 HOH HOH A . 
G 4 HOH 12 2013 2013 HOH HOH A . 
G 4 HOH 13 2014 2014 HOH HOH A . 
G 4 HOH 14 2015 2015 HOH HOH A . 
G 4 HOH 15 2016 2016 HOH HOH A . 
G 4 HOH 16 2017 2017 HOH HOH A . 
G 4 HOH 17 2019 2019 HOH HOH A . 
G 4 HOH 18 2020 2020 HOH HOH A . 
G 4 HOH 19 2021 2021 HOH HOH A . 
G 4 HOH 20 2022 2022 HOH HOH A . 
G 4 HOH 21 2023 2023 HOH HOH A . 
G 4 HOH 22 2024 2024 HOH HOH A . 
G 4 HOH 23 2025 2025 HOH HOH A . 
G 4 HOH 24 2026 2026 HOH HOH A . 
G 4 HOH 25 2027 2027 HOH HOH A . 
G 4 HOH 26 2029 2029 HOH HOH A . 
G 4 HOH 27 2030 2030 HOH HOH A . 
G 4 HOH 28 2031 2031 HOH HOH A . 
G 4 HOH 29 2033 2033 HOH HOH A . 
G 4 HOH 30 2034 2034 HOH HOH A . 
G 4 HOH 31 2035 2035 HOH HOH A . 
G 4 HOH 32 2036 2036 HOH HOH A . 
G 4 HOH 33 2037 2037 HOH HOH A . 
G 4 HOH 34 2038 2038 HOH HOH A . 
G 4 HOH 35 2039 2039 HOH HOH A . 
G 4 HOH 36 2040 2040 HOH HOH A . 
G 4 HOH 37 2041 2041 HOH HOH A . 
G 4 HOH 38 2042 2042 HOH HOH A . 
G 4 HOH 39 2043 2043 HOH HOH A . 
G 4 HOH 40 2044 2044 HOH HOH A . 
G 4 HOH 41 2045 2045 HOH HOH A . 
G 4 HOH 42 2046 2046 HOH HOH A . 
G 4 HOH 43 2047 2047 HOH HOH A . 
G 4 HOH 44 2048 2048 HOH HOH A . 
G 4 HOH 45 2049 2049 HOH HOH A . 
G 4 HOH 46 2050 2050 HOH HOH A . 
G 4 HOH 47 2051 2051 HOH HOH A . 
G 4 HOH 48 2052 2052 HOH HOH A . 
G 4 HOH 49 2053 2053 HOH HOH A . 
G 4 HOH 50 2054 2054 HOH HOH A . 
G 4 HOH 51 2055 2055 HOH HOH A . 
G 4 HOH 52 2057 2057 HOH HOH A . 
G 4 HOH 53 2058 2058 HOH HOH A . 
G 4 HOH 54 2059 2059 HOH HOH A . 
G 4 HOH 55 2060 2060 HOH HOH A . 
G 4 HOH 56 2061 2061 HOH HOH A . 
G 4 HOH 57 2062 2062 HOH HOH A . 
G 4 HOH 58 2063 2063 HOH HOH A . 
G 4 HOH 59 2064 2064 HOH HOH A . 
G 4 HOH 60 2065 2065 HOH HOH A . 
G 4 HOH 61 2066 2066 HOH HOH A . 
H 4 HOH 1  2004 2004 HOH HOH B . 
H 4 HOH 2  2018 2018 HOH HOH B . 
H 4 HOH 3  2028 2028 HOH HOH B . 
H 4 HOH 4  2032 2032 HOH HOH B . 
H 4 HOH 5  2056 2056 HOH HOH B . 
# 
loop_
_software.name 
_software.classification 
_software.version 
_software.citation_id 
_software.pdbx_ordinal 
HKL-2000 'data collection' .                 ? 1 
SOLVE    phasing           .                 ? 2 
PHENIX   refinement        '(phenix.refine)' ? 3 
HKL-2000 'data reduction'  .                 ? 4 
HKL-2000 'data scaling'    .                 ? 5 
# 
_cell.entry_id           3SHB 
_cell.length_a           36.609 
_cell.length_b           36.609 
_cell.length_c           219.765 
_cell.angle_alpha        90.00 
_cell.angle_beta         90.00 
_cell.angle_gamma        120.00 
_cell.Z_PDB              12 
_cell.pdbx_unique_axis   ? 
_cell.length_a_esd       ? 
_cell.length_b_esd       ? 
_cell.length_c_esd       ? 
_cell.angle_alpha_esd    ? 
_cell.angle_beta_esd     ? 
_cell.angle_gamma_esd    ? 
# 
_symmetry.entry_id                         3SHB 
_symmetry.space_group_name_H-M             'P 61 2 2' 
_symmetry.pdbx_full_space_group_name_H-M   ? 
_symmetry.cell_setting                     ? 
_symmetry.Int_Tables_number                178 
_symmetry.space_group_name_Hall            ? 
# 
_exptl.entry_id          3SHB 
_exptl.method            'X-RAY DIFFRACTION' 
_exptl.crystals_number   1 
# 
_exptl_crystal.id                    1 
_exptl_crystal.density_meas          ? 
_exptl_crystal.density_Matthews      2.14 
_exptl_crystal.density_percent_sol   42.46 
_exptl_crystal.description           ? 
_exptl_crystal.F_000                 ? 
_exptl_crystal.preparation           ? 
# 
_exptl_crystal_grow.crystal_id      1 
_exptl_crystal_grow.method          'VAPOR DIFFUSION, HANGING DROP' 
_exptl_crystal_grow.temp            277 
_exptl_crystal_grow.temp_details    ? 
_exptl_crystal_grow.pH              8.5 
_exptl_crystal_grow.pdbx_details    
'0.1M TRIS hydrochloride (pH8.5), 30% w/v Polyethylene glycerol 4000, 0.2M MgCl2, VAPOR DIFFUSION, HANGING DROP, temperature 277K' 
_exptl_crystal_grow.pdbx_pH_range   ? 
# 
_diffrn.id                     1 
_diffrn.ambient_temp           100 
_diffrn.ambient_temp_details   ? 
_diffrn.crystal_id             1 
# 
_diffrn_detector.diffrn_id              1 
_diffrn_detector.detector               'IMAGE PLATE' 
_diffrn_detector.type                   'MAR scanner 345 mm plate' 
_diffrn_detector.pdbx_collection_date   2011-03-06 
_diffrn_detector.details                ? 
# 
_diffrn_radiation.diffrn_id                        1 
_diffrn_radiation.wavelength_id                    1 
_diffrn_radiation.pdbx_monochromatic_or_laue_m_l   M 
_diffrn_radiation.monochromator                    'SAGITALLY FOCUSED Si(111)' 
_diffrn_radiation.pdbx_diffrn_protocol             'SINGLE WAVELENGTH' 
_diffrn_radiation.pdbx_scattering_type             x-ray 
# 
_diffrn_radiation_wavelength.id           1 
_diffrn_radiation_wavelength.wavelength   1.2823 
_diffrn_radiation_wavelength.wt           1.0 
# 
_diffrn_source.diffrn_id                   1 
_diffrn_source.source                      SYNCHROTRON 
_diffrn_source.type                        'SSRF BEAMLINE BL17U' 
_diffrn_source.pdbx_synchrotron_site       SSRF 
_diffrn_source.pdbx_synchrotron_beamline   BL17U 
_diffrn_source.pdbx_wavelength             ? 
_diffrn_source.pdbx_wavelength_list        1.2823 
# 
_reflns.entry_id                     3SHB 
_reflns.observed_criterion_sigma_I   ? 
_reflns.observed_criterion_sigma_F   ? 
_reflns.d_resolution_low             50 
_reflns.d_resolution_high            1.8 
_reflns.number_obs                   8535 
_reflns.number_all                   9078 
_reflns.percent_possible_obs         ? 
_reflns.pdbx_Rmerge_I_obs            ? 
_reflns.pdbx_Rsym_value              ? 
_reflns.pdbx_netI_over_sigmaI        ? 
_reflns.B_iso_Wilson_estimate        ? 
_reflns.pdbx_redundancy              ? 
_reflns.R_free_details               ? 
_reflns.limit_h_max                  ? 
_reflns.limit_h_min                  ? 
_reflns.limit_k_max                  ? 
_reflns.limit_k_min                  ? 
_reflns.limit_l_max                  ? 
_reflns.limit_l_min                  ? 
_reflns.observed_criterion_F_max     ? 
_reflns.observed_criterion_F_min     ? 
_reflns.pdbx_chi_squared             ? 
_reflns.pdbx_scaling_rejects         ? 
_reflns.pdbx_ordinal                 1 
_reflns.pdbx_diffrn_id               1 
# 
_refine.entry_id                                 3SHB 
_refine.ls_number_reflns_obs                     8535 
_refine.ls_number_reflns_all                     9078 
_refine.pdbx_ls_sigma_I                          ? 
_refine.pdbx_ls_sigma_F                          0.24 
_refine.pdbx_data_cutoff_high_absF               ? 
_refine.pdbx_data_cutoff_low_absF                ? 
_refine.pdbx_data_cutoff_high_rms_absF           ? 
_refine.ls_d_res_low                             31.704 
_refine.ls_d_res_high                            1.800 
_refine.ls_percent_reflns_obs                    95.04 
_refine.ls_R_factor_obs                          0.2107 
_refine.ls_R_factor_all                          ? 
_refine.ls_R_factor_R_work                       0.2099 
_refine.ls_R_factor_R_free                       0.2278 
_refine.ls_R_factor_R_free_error                 ? 
_refine.ls_R_factor_R_free_error_details         ? 
_refine.ls_percent_reflns_R_free                 4.67 
_refine.ls_number_reflns_R_free                  399 
_refine.ls_number_parameters                     ? 
_refine.ls_number_restraints                     ? 
_refine.occupancy_min                            ? 
_refine.occupancy_max                            ? 
_refine.correlation_coeff_Fo_to_Fc               ? 
_refine.correlation_coeff_Fo_to_Fc_free          ? 
_refine.B_iso_mean                               ? 
_refine.aniso_B[1][1]                            -7.5816 
_refine.aniso_B[2][2]                            -7.5816 
_refine.aniso_B[3][3]                            -16.6704 
_refine.aniso_B[1][2]                            0.0000 
_refine.aniso_B[1][3]                            -0.0000 
_refine.aniso_B[2][3]                            0.0000 
_refine.solvent_model_details                    'FLAT BULK SOLVENT MODEL' 
_refine.solvent_model_param_ksol                 0.367 
_refine.solvent_model_param_bsol                 49.010 
_refine.pdbx_solvent_vdw_probe_radii             1.11 
_refine.pdbx_solvent_ion_probe_radii             ? 
_refine.pdbx_solvent_shrinkage_radii             0.90 
_refine.pdbx_ls_cross_valid_method               ? 
_refine.details                                  ? 
_refine.pdbx_starting_model                      ? 
_refine.pdbx_method_to_determine_struct          SAD 
_refine.pdbx_isotropic_thermal_model             ? 
_refine.pdbx_stereochemistry_target_values       ML 
_refine.pdbx_stereochem_target_val_spec_case     ? 
_refine.pdbx_R_Free_selection_details            ? 
_refine.pdbx_overall_ESU_R_Free                  ? 
_refine.overall_SU_ML                            0.25 
_refine.pdbx_overall_phase_error                 20.34 
_refine.overall_SU_B                             ? 
_refine.overall_SU_R_Cruickshank_DPI             ? 
_refine.ls_redundancy_reflns_obs                 ? 
_refine.B_iso_min                                ? 
_refine.B_iso_max                                ? 
_refine.overall_SU_R_free                        ? 
_refine.ls_wR_factor_R_free                      ? 
_refine.ls_wR_factor_R_work                      ? 
_refine.overall_FOM_free_R_set                   ? 
_refine.overall_FOM_work_R_set                   ? 
_refine.pdbx_overall_ESU_R                       ? 
_refine.pdbx_diffrn_id                           1 
_refine.pdbx_refine_id                           'X-RAY DIFFRACTION' 
_refine.pdbx_TLS_residual_ADP_flag               ? 
_refine.pdbx_overall_SU_R_free_Cruickshank_DPI   ? 
_refine.pdbx_overall_SU_R_Blow_DPI               ? 
_refine.pdbx_overall_SU_R_free_Blow_DPI          ? 
# 
_refine_hist.pdbx_refine_id                   'X-RAY DIFFRACTION' 
_refine_hist.cycle_id                         LAST 
_refine_hist.pdbx_number_atoms_protein        574 
_refine_hist.pdbx_number_atoms_nucleic_acid   0 
_refine_hist.pdbx_number_atoms_ligand         4 
_refine_hist.number_atoms_solvent             66 
_refine_hist.number_atoms_total               644 
_refine_hist.d_res_high                       1.800 
_refine_hist.d_res_low                        31.704 
# 
loop_
_refine_ls_restr.type 
_refine_ls_restr.dev_ideal 
_refine_ls_restr.dev_ideal_target 
_refine_ls_restr.weight 
_refine_ls_restr.number 
_refine_ls_restr.pdbx_restraint_function 
_refine_ls_restr.pdbx_refine_id 
f_bond_d           0.010  ? ? 586 ? 'X-RAY DIFFRACTION' 
f_angle_d          1.322  ? ? 790 ? 'X-RAY DIFFRACTION' 
f_dihedral_angle_d 16.448 ? ? 223 ? 'X-RAY DIFFRACTION' 
f_chiral_restr     0.086  ? ? 82  ? 'X-RAY DIFFRACTION' 
f_plane_restr      0.006  ? ? 106 ? 'X-RAY DIFFRACTION' 
# 
loop_
_refine_ls_shell.pdbx_refine_id 
_refine_ls_shell.pdbx_total_number_of_bins_used 
_refine_ls_shell.d_res_high 
_refine_ls_shell.d_res_low 
_refine_ls_shell.number_reflns_R_work 
_refine_ls_shell.R_factor_R_work 
_refine_ls_shell.percent_reflns_obs 
_refine_ls_shell.R_factor_R_free 
_refine_ls_shell.R_factor_R_free_error 
_refine_ls_shell.percent_reflns_R_free 
_refine_ls_shell.number_reflns_R_free 
_refine_ls_shell.number_reflns_all 
_refine_ls_shell.R_factor_all 
_refine_ls_shell.number_reflns_obs 
_refine_ls_shell.redundancy_reflns_obs 
'X-RAY DIFFRACTION' 3 1.8002 2.0606  2463 0.2196 90.00 0.2708 . . 138 . . . . 
'X-RAY DIFFRACTION' 3 2.0606 2.5960  2687 0.2022 96.00 0.2771 . . 118 . . . . 
'X-RAY DIFFRACTION' 3 2.5960 31.7092 2986 0.2108 99.00 0.2013 . . 143 . . . . 
# 
_struct.entry_id                  3SHB 
_struct.title                     'Crystal Structure of PHD Domain of UHRF1' 
_struct.pdbx_model_details        ? 
_struct.pdbx_CASP_flag            ? 
_struct.pdbx_model_type_details   ? 
# 
_struct_keywords.entry_id        3SHB 
_struct_keywords.pdbx_keywords   'LIGASE/NUCLEAR PROTEIN' 
_struct_keywords.text            'unmodified Histone, methylation, UHRF1, PHD, H3, LIGASE-NUCLEAR PROTEIN complex' 
# 
loop_
_struct_asym.id 
_struct_asym.pdbx_blank_PDB_chainid_flag 
_struct_asym.pdbx_modified 
_struct_asym.entity_id 
_struct_asym.details 
A N N 1 ? 
B N N 2 ? 
C N N 3 ? 
D N N 3 ? 
E N N 3 ? 
F N N 3 ? 
G N N 4 ? 
H N N 4 ? 
# 
loop_
_struct_ref.id 
_struct_ref.db_name 
_struct_ref.db_code 
_struct_ref.pdbx_db_accession 
_struct_ref.entity_id 
_struct_ref.pdbx_seq_one_letter_code 
_struct_ref.pdbx_align_begin 
_struct_ref.pdbx_db_isoform 
1 UNP UHRF1_HUMAN Q96T88 1 SGPSCKHCKDDVNRLCRVCACHLCGGRQDPDKQLMCDECDMAFHIYCLDPPLSSVPSEDEWYCPECRND 298 ? 
2 PDB 3SHB        3SHB   2 ?                                                                     ?   ? 
# 
loop_
_struct_ref_seq.align_id 
_struct_ref_seq.ref_id 
_struct_ref_seq.pdbx_PDB_id_code 
_struct_ref_seq.pdbx_strand_id 
_struct_ref_seq.seq_align_beg 
_struct_ref_seq.pdbx_seq_align_beg_ins_code 
_struct_ref_seq.seq_align_end 
_struct_ref_seq.pdbx_seq_align_end_ins_code 
_struct_ref_seq.pdbx_db_accession 
_struct_ref_seq.db_align_beg 
_struct_ref_seq.pdbx_db_align_beg_ins_code 
_struct_ref_seq.db_align_end 
_struct_ref_seq.pdbx_db_align_end_ins_code 
_struct_ref_seq.pdbx_auth_seq_align_beg 
_struct_ref_seq.pdbx_auth_seq_align_end 
1 1 3SHB A 9 ? 77 ? Q96T88 298 ? 366 ? 311 379 
2 2 3SHB B 1 ? 12 ? 3SHB   1   ? 12  ? 1   12  
# 
loop_
_struct_ref_seq_dif.align_id 
_struct_ref_seq_dif.pdbx_pdb_id_code 
_struct_ref_seq_dif.mon_id 
_struct_ref_seq_dif.pdbx_pdb_strand_id 
_struct_ref_seq_dif.seq_num 
_struct_ref_seq_dif.pdbx_pdb_ins_code 
_struct_ref_seq_dif.pdbx_seq_db_name 
_struct_ref_seq_dif.pdbx_seq_db_accession_code 
_struct_ref_seq_dif.db_mon_id 
_struct_ref_seq_dif.pdbx_seq_db_seq_num 
_struct_ref_seq_dif.details 
_struct_ref_seq_dif.pdbx_auth_seq_num 
_struct_ref_seq_dif.pdbx_ordinal 
1 3SHB GLY A 1 ? UNP Q96T88 ? ? 'expression tag' 303 1 
1 3SHB PRO A 2 ? UNP Q96T88 ? ? 'expression tag' 304 2 
1 3SHB LEU A 3 ? UNP Q96T88 ? ? 'expression tag' 305 3 
1 3SHB GLY A 4 ? UNP Q96T88 ? ? 'expression tag' 306 4 
1 3SHB SER A 5 ? UNP Q96T88 ? ? 'expression tag' 307 5 
1 3SHB PRO A 6 ? UNP Q96T88 ? ? 'expression tag' 308 6 
1 3SHB GLU A 7 ? UNP Q96T88 ? ? 'expression tag' 309 7 
1 3SHB PHE A 8 ? UNP Q96T88 ? ? 'expression tag' 310 8 
# 
_pdbx_struct_assembly.id                   1 
_pdbx_struct_assembly.details              author_and_software_defined_assembly 
_pdbx_struct_assembly.method_details       PISA 
_pdbx_struct_assembly.oligomeric_details   dimeric 
_pdbx_struct_assembly.oligomeric_count     2 
# 
loop_
_pdbx_struct_assembly_prop.biol_id 
_pdbx_struct_assembly_prop.type 
_pdbx_struct_assembly_prop.value 
_pdbx_struct_assembly_prop.details 
1 'ABSA (A^2)' 880  ? 
1 MORE         -7   ? 
1 'SSA (A^2)'  5050 ? 
# 
_pdbx_struct_assembly_gen.assembly_id       1 
_pdbx_struct_assembly_gen.oper_expression   1 
_pdbx_struct_assembly_gen.asym_id_list      A,B,C,D,E,F,G,H 
# 
_pdbx_struct_oper_list.id                   1 
_pdbx_struct_oper_list.type                 'identity operation' 
_pdbx_struct_oper_list.name                 1_555 
_pdbx_struct_oper_list.symmetry_operation   x,y,z 
_pdbx_struct_oper_list.matrix[1][1]         1.0000000000 
_pdbx_struct_oper_list.matrix[1][2]         0.0000000000 
_pdbx_struct_oper_list.matrix[1][3]         0.0000000000 
_pdbx_struct_oper_list.vector[1]            0.0000000000 
_pdbx_struct_oper_list.matrix[2][1]         0.0000000000 
_pdbx_struct_oper_list.matrix[2][2]         1.0000000000 
_pdbx_struct_oper_list.matrix[2][3]         0.0000000000 
_pdbx_struct_oper_list.vector[2]            0.0000000000 
_pdbx_struct_oper_list.matrix[3][1]         0.0000000000 
_pdbx_struct_oper_list.matrix[3][2]         0.0000000000 
_pdbx_struct_oper_list.matrix[3][3]         1.0000000000 
_pdbx_struct_oper_list.vector[3]            0.0000000000 
# 
_struct_biol.id        1 
_struct_biol.details   ? 
# 
_struct_conf.conf_type_id            HELX_P 
_struct_conf.id                      HELX_P1 
_struct_conf.pdbx_PDB_helix_id       1 
_struct_conf.beg_label_comp_id       ASP 
_struct_conf.beg_label_asym_id       A 
_struct_conf.beg_label_seq_id        37 
_struct_conf.pdbx_beg_PDB_ins_code   ? 
_struct_conf.end_label_comp_id       ASP 
_struct_conf.end_label_asym_id       A 
_struct_conf.end_label_seq_id        39 
_struct_conf.pdbx_end_PDB_ins_code   ? 
_struct_conf.beg_auth_comp_id        ASP 
_struct_conf.beg_auth_asym_id        A 
_struct_conf.beg_auth_seq_id         339 
_struct_conf.end_auth_comp_id        ASP 
_struct_conf.end_auth_asym_id        A 
_struct_conf.end_auth_seq_id         341 
_struct_conf.pdbx_PDB_helix_class    5 
_struct_conf.details                 ? 
_struct_conf.pdbx_PDB_helix_length   3 
# 
_struct_conf_type.id          HELX_P 
_struct_conf_type.criteria    ? 
_struct_conf_type.reference   ? 
# 
loop_
_struct_conn.id 
_struct_conn.conn_type_id 
_struct_conn.pdbx_leaving_atom_flag 
_struct_conn.pdbx_PDB_id 
_struct_conn.ptnr1_label_asym_id 
_struct_conn.ptnr1_label_comp_id 
_struct_conn.ptnr1_label_seq_id 
_struct_conn.ptnr1_label_atom_id 
_struct_conn.pdbx_ptnr1_label_alt_id 
_struct_conn.pdbx_ptnr1_PDB_ins_code 
_struct_conn.pdbx_ptnr1_standard_comp_id 
_struct_conn.ptnr1_symmetry 
_struct_conn.ptnr2_label_asym_id 
_struct_conn.ptnr2_label_comp_id 
_struct_conn.ptnr2_label_seq_id 
_struct_conn.ptnr2_label_atom_id 
_struct_conn.pdbx_ptnr2_label_alt_id 
_struct_conn.pdbx_ptnr2_PDB_ins_code 
_struct_conn.ptnr1_auth_asym_id 
_struct_conn.ptnr1_auth_comp_id 
_struct_conn.ptnr1_auth_seq_id 
_struct_conn.ptnr2_auth_asym_id 
_struct_conn.ptnr2_auth_comp_id 
_struct_conn.ptnr2_auth_seq_id 
_struct_conn.ptnr2_symmetry 
_struct_conn.pdbx_ptnr3_label_atom_id 
_struct_conn.pdbx_ptnr3_label_seq_id 
_struct_conn.pdbx_ptnr3_label_comp_id 
_struct_conn.pdbx_ptnr3_label_asym_id 
_struct_conn.pdbx_ptnr3_label_alt_id 
_struct_conn.pdbx_ptnr3_PDB_ins_code 
_struct_conn.details 
_struct_conn.pdbx_dist_value 
_struct_conn.pdbx_value_order 
_struct_conn.pdbx_role 
metalc1  metalc ? ? A CYS 13 SG  ? ? ? 1_555 C ZN . ZN ? ? A CYS 315 A ZN 1001 1_555 ? ? ? ? ? ? ? 2.400 ? ? 
metalc2  metalc ? ? A CYS 16 SG  ? ? ? 1_555 C ZN . ZN ? ? A CYS 318 A ZN 1001 1_555 ? ? ? ? ? ? ? 2.446 ? ? 
metalc3  metalc ? ? A CYS 24 SG  ? ? ? 1_555 C ZN . ZN ? ? A CYS 326 A ZN 1001 1_555 ? ? ? ? ? ? ? 2.303 ? ? 
metalc4  metalc ? ? A CYS 27 SG  ? ? ? 1_555 C ZN . ZN ? ? A CYS 329 A ZN 1001 1_555 ? ? ? ? ? ? ? 2.353 ? ? 
metalc5  metalc ? ? A CYS 29 SG  ? ? ? 1_555 D ZN . ZN ? ? A CYS 331 A ZN 1002 1_555 ? ? ? ? ? ? ? 2.307 ? ? 
metalc6  metalc ? ? A HIS 30 NE2 ? ? ? 1_555 F ZN . ZN ? ? A HIS 332 A ZN 1004 1_555 ? ? ? ? ? ? ? 2.074 ? ? 
metalc7  metalc ? ? A CYS 32 SG  ? ? ? 1_555 D ZN . ZN ? ? A CYS 334 A ZN 1002 1_555 ? ? ? ? ? ? ? 2.408 ? ? 
metalc8  metalc ? ? A CYS 44 SG  ? ? ? 1_555 E ZN . ZN ? ? A CYS 346 A ZN 1003 1_555 ? ? ? ? ? ? ? 2.274 ? ? 
metalc9  metalc ? ? A CYS 47 SG  ? ? ? 1_555 E ZN . ZN ? ? A CYS 349 A ZN 1003 1_555 ? ? ? ? ? ? ? 2.376 ? ? 
metalc10 metalc ? ? A HIS 52 ND1 ? ? ? 1_555 D ZN . ZN ? ? A HIS 354 A ZN 1002 1_555 ? ? ? ? ? ? ? 2.180 ? ? 
metalc11 metalc ? ? A CYS 55 SG  ? ? ? 1_555 D ZN . ZN ? ? A CYS 357 A ZN 1002 1_555 ? ? ? ? ? ? ? 2.285 ? ? 
metalc12 metalc ? ? A CYS 71 SG  ? ? ? 1_555 E ZN . ZN ? ? A CYS 373 A ZN 1003 1_555 ? ? ? ? ? ? ? 2.384 ? ? 
metalc13 metalc ? ? A GLU 73 OE2 ? ? ? 1_555 F ZN . ZN ? ? A GLU 375 A ZN 1004 1_555 ? ? ? ? ? ? ? 2.222 ? ? 
metalc14 metalc ? ? A GLU 73 OE1 ? ? ? 1_555 F ZN . ZN ? ? A GLU 375 A ZN 1004 1_555 ? ? ? ? ? ? ? 2.432 ? ? 
metalc15 metalc ? ? A CYS 74 SG  ? ? ? 1_555 E ZN . ZN ? ? A CYS 376 A ZN 1003 1_555 ? ? ? ? ? ? ? 2.340 ? ? 
# 
_struct_conn_type.id          metalc 
_struct_conn_type.criteria    ? 
_struct_conn_type.reference   ? 
# 
loop_
_pdbx_struct_conn_angle.id 
_pdbx_struct_conn_angle.ptnr1_label_atom_id 
_pdbx_struct_conn_angle.ptnr1_label_alt_id 
_pdbx_struct_conn_angle.ptnr1_label_asym_id 
_pdbx_struct_conn_angle.ptnr1_label_comp_id 
_pdbx_struct_conn_angle.ptnr1_label_seq_id 
_pdbx_struct_conn_angle.ptnr1_auth_atom_id 
_pdbx_struct_conn_angle.ptnr1_auth_asym_id 
_pdbx_struct_conn_angle.ptnr1_auth_comp_id 
_pdbx_struct_conn_angle.ptnr1_auth_seq_id 
_pdbx_struct_conn_angle.ptnr1_PDB_ins_code 
_pdbx_struct_conn_angle.ptnr1_symmetry 
_pdbx_struct_conn_angle.ptnr2_label_atom_id 
_pdbx_struct_conn_angle.ptnr2_label_alt_id 
_pdbx_struct_conn_angle.ptnr2_label_asym_id 
_pdbx_struct_conn_angle.ptnr2_label_comp_id 
_pdbx_struct_conn_angle.ptnr2_label_seq_id 
_pdbx_struct_conn_angle.ptnr2_auth_atom_id 
_pdbx_struct_conn_angle.ptnr2_auth_asym_id 
_pdbx_struct_conn_angle.ptnr2_auth_comp_id 
_pdbx_struct_conn_angle.ptnr2_auth_seq_id 
_pdbx_struct_conn_angle.ptnr2_PDB_ins_code 
_pdbx_struct_conn_angle.ptnr2_symmetry 
_pdbx_struct_conn_angle.ptnr3_label_atom_id 
_pdbx_struct_conn_angle.ptnr3_label_alt_id 
_pdbx_struct_conn_angle.ptnr3_label_asym_id 
_pdbx_struct_conn_angle.ptnr3_label_comp_id 
_pdbx_struct_conn_angle.ptnr3_label_seq_id 
_pdbx_struct_conn_angle.ptnr3_auth_atom_id 
_pdbx_struct_conn_angle.ptnr3_auth_asym_id 
_pdbx_struct_conn_angle.ptnr3_auth_comp_id 
_pdbx_struct_conn_angle.ptnr3_auth_seq_id 
_pdbx_struct_conn_angle.ptnr3_PDB_ins_code 
_pdbx_struct_conn_angle.ptnr3_symmetry 
_pdbx_struct_conn_angle.value 
_pdbx_struct_conn_angle.value_esd 
1  SG  ? A CYS 13 ? A CYS 315 ? 1_555 ZN ? C ZN . ? A ZN 1001 ? 1_555 SG  ? A CYS 16 ? A CYS 318 ? 1_555 108.9 ? 
2  SG  ? A CYS 13 ? A CYS 315 ? 1_555 ZN ? C ZN . ? A ZN 1001 ? 1_555 SG  ? A CYS 24 ? A CYS 326 ? 1_555 115.1 ? 
3  SG  ? A CYS 16 ? A CYS 318 ? 1_555 ZN ? C ZN . ? A ZN 1001 ? 1_555 SG  ? A CYS 24 ? A CYS 326 ? 1_555 113.7 ? 
4  SG  ? A CYS 13 ? A CYS 315 ? 1_555 ZN ? C ZN . ? A ZN 1001 ? 1_555 SG  ? A CYS 27 ? A CYS 329 ? 1_555 109.5 ? 
5  SG  ? A CYS 16 ? A CYS 318 ? 1_555 ZN ? C ZN . ? A ZN 1001 ? 1_555 SG  ? A CYS 27 ? A CYS 329 ? 1_555 96.0  ? 
6  SG  ? A CYS 24 ? A CYS 326 ? 1_555 ZN ? C ZN . ? A ZN 1001 ? 1_555 SG  ? A CYS 27 ? A CYS 329 ? 1_555 112.0 ? 
7  SG  ? A CYS 29 ? A CYS 331 ? 1_555 ZN ? D ZN . ? A ZN 1002 ? 1_555 SG  ? A CYS 32 ? A CYS 334 ? 1_555 110.2 ? 
8  SG  ? A CYS 29 ? A CYS 331 ? 1_555 ZN ? D ZN . ? A ZN 1002 ? 1_555 ND1 ? A HIS 52 ? A HIS 354 ? 1_555 100.9 ? 
9  SG  ? A CYS 32 ? A CYS 334 ? 1_555 ZN ? D ZN . ? A ZN 1002 ? 1_555 ND1 ? A HIS 52 ? A HIS 354 ? 1_555 101.4 ? 
10 SG  ? A CYS 29 ? A CYS 331 ? 1_555 ZN ? D ZN . ? A ZN 1002 ? 1_555 SG  ? A CYS 55 ? A CYS 357 ? 1_555 120.3 ? 
11 SG  ? A CYS 32 ? A CYS 334 ? 1_555 ZN ? D ZN . ? A ZN 1002 ? 1_555 SG  ? A CYS 55 ? A CYS 357 ? 1_555 108.2 ? 
12 ND1 ? A HIS 52 ? A HIS 354 ? 1_555 ZN ? D ZN . ? A ZN 1002 ? 1_555 SG  ? A CYS 55 ? A CYS 357 ? 1_555 114.1 ? 
13 NE2 ? A HIS 30 ? A HIS 332 ? 1_555 ZN ? F ZN . ? A ZN 1004 ? 1_555 OE2 ? A GLU 73 ? A GLU 375 ? 1_555 98.5  ? 
14 NE2 ? A HIS 30 ? A HIS 332 ? 1_555 ZN ? F ZN . ? A ZN 1004 ? 1_555 OE1 ? A GLU 73 ? A GLU 375 ? 1_555 115.9 ? 
15 OE2 ? A GLU 73 ? A GLU 375 ? 1_555 ZN ? F ZN . ? A ZN 1004 ? 1_555 OE1 ? A GLU 73 ? A GLU 375 ? 1_555 55.7  ? 
16 SG  ? A CYS 44 ? A CYS 346 ? 1_555 ZN ? E ZN . ? A ZN 1003 ? 1_555 SG  ? A CYS 47 ? A CYS 349 ? 1_555 108.5 ? 
17 SG  ? A CYS 44 ? A CYS 346 ? 1_555 ZN ? E ZN . ? A ZN 1003 ? 1_555 SG  ? A CYS 71 ? A CYS 373 ? 1_555 110.6 ? 
18 SG  ? A CYS 47 ? A CYS 349 ? 1_555 ZN ? E ZN . ? A ZN 1003 ? 1_555 SG  ? A CYS 71 ? A CYS 373 ? 1_555 109.3 ? 
19 SG  ? A CYS 44 ? A CYS 346 ? 1_555 ZN ? E ZN . ? A ZN 1003 ? 1_555 SG  ? A CYS 74 ? A CYS 376 ? 1_555 108.2 ? 
20 SG  ? A CYS 47 ? A CYS 349 ? 1_555 ZN ? E ZN . ? A ZN 1003 ? 1_555 SG  ? A CYS 74 ? A CYS 376 ? 1_555 107.0 ? 
21 SG  ? A CYS 71 ? A CYS 373 ? 1_555 ZN ? E ZN . ? A ZN 1003 ? 1_555 SG  ? A CYS 74 ? A CYS 376 ? 1_555 113.2 ? 
# 
loop_
_struct_mon_prot_cis.pdbx_id 
_struct_mon_prot_cis.label_comp_id 
_struct_mon_prot_cis.label_seq_id 
_struct_mon_prot_cis.label_asym_id 
_struct_mon_prot_cis.label_alt_id 
_struct_mon_prot_cis.pdbx_PDB_ins_code 
_struct_mon_prot_cis.auth_comp_id 
_struct_mon_prot_cis.auth_seq_id 
_struct_mon_prot_cis.auth_asym_id 
_struct_mon_prot_cis.pdbx_label_comp_id_2 
_struct_mon_prot_cis.pdbx_label_seq_id_2 
_struct_mon_prot_cis.pdbx_label_asym_id_2 
_struct_mon_prot_cis.pdbx_PDB_ins_code_2 
_struct_mon_prot_cis.pdbx_auth_comp_id_2 
_struct_mon_prot_cis.pdbx_auth_seq_id_2 
_struct_mon_prot_cis.pdbx_auth_asym_id_2 
_struct_mon_prot_cis.pdbx_PDB_model_num 
_struct_mon_prot_cis.pdbx_omega_angle 
1 GLY 10 A . ? GLY 312 A PRO 11 A ? PRO 313 A 1 6.60 
2 ASP 57 A . ? ASP 359 A PRO 58 A ? PRO 360 A 1 0.89 
# 
_struct_sheet.id               A 
_struct_sheet.type             ? 
_struct_sheet.number_strands   2 
_struct_sheet.details          ? 
# 
_struct_sheet_order.sheet_id     A 
_struct_sheet_order.range_id_1   1 
_struct_sheet_order.range_id_2   2 
_struct_sheet_order.offset       ? 
_struct_sheet_order.sense        anti-parallel 
# 
loop_
_struct_sheet_range.sheet_id 
_struct_sheet_range.id 
_struct_sheet_range.beg_label_comp_id 
_struct_sheet_range.beg_label_asym_id 
_struct_sheet_range.beg_label_seq_id 
_struct_sheet_range.pdbx_beg_PDB_ins_code 
_struct_sheet_range.end_label_comp_id 
_struct_sheet_range.end_label_asym_id 
_struct_sheet_range.end_label_seq_id 
_struct_sheet_range.pdbx_end_PDB_ins_code 
_struct_sheet_range.beg_auth_comp_id 
_struct_sheet_range.beg_auth_asym_id 
_struct_sheet_range.beg_auth_seq_id 
_struct_sheet_range.end_auth_comp_id 
_struct_sheet_range.end_auth_asym_id 
_struct_sheet_range.end_auth_seq_id 
A 1 GLN A 41 ? MET A 43 ? GLN A 343 MET A 345 
A 2 ALA A 50 ? HIS A 52 ? ALA A 352 HIS A 354 
# 
_pdbx_struct_sheet_hbond.sheet_id                A 
_pdbx_struct_sheet_hbond.range_id_1              1 
_pdbx_struct_sheet_hbond.range_id_2              2 
_pdbx_struct_sheet_hbond.range_1_label_atom_id   N 
_pdbx_struct_sheet_hbond.range_1_label_comp_id   LEU 
_pdbx_struct_sheet_hbond.range_1_label_asym_id   A 
_pdbx_struct_sheet_hbond.range_1_label_seq_id    42 
_pdbx_struct_sheet_hbond.range_1_PDB_ins_code    ? 
_pdbx_struct_sheet_hbond.range_1_auth_atom_id    N 
_pdbx_struct_sheet_hbond.range_1_auth_comp_id    LEU 
_pdbx_struct_sheet_hbond.range_1_auth_asym_id    A 
_pdbx_struct_sheet_hbond.range_1_auth_seq_id     344 
_pdbx_struct_sheet_hbond.range_2_label_atom_id   O 
_pdbx_struct_sheet_hbond.range_2_label_comp_id   PHE 
_pdbx_struct_sheet_hbond.range_2_label_asym_id   A 
_pdbx_struct_sheet_hbond.range_2_label_seq_id    51 
_pdbx_struct_sheet_hbond.range_2_PDB_ins_code    ? 
_pdbx_struct_sheet_hbond.range_2_auth_atom_id    O 
_pdbx_struct_sheet_hbond.range_2_auth_comp_id    PHE 
_pdbx_struct_sheet_hbond.range_2_auth_asym_id    A 
_pdbx_struct_sheet_hbond.range_2_auth_seq_id     353 
# 
loop_
_struct_site.id 
_struct_site.pdbx_evidence_code 
_struct_site.pdbx_auth_asym_id 
_struct_site.pdbx_auth_comp_id 
_struct_site.pdbx_auth_seq_id 
_struct_site.pdbx_auth_ins_code 
_struct_site.pdbx_num_residues 
_struct_site.details 
AC1 Software A ZN 1001 ? 4 'BINDING SITE FOR RESIDUE ZN A 1001' 
AC2 Software A ZN 1002 ? 4 'BINDING SITE FOR RESIDUE ZN A 1002' 
AC3 Software A ZN 1003 ? 4 'BINDING SITE FOR RESIDUE ZN A 1003' 
AC4 Software A ZN 1004 ? 4 'BINDING SITE FOR RESIDUE ZN A 1004' 
# 
loop_
_struct_site_gen.id 
_struct_site_gen.site_id 
_struct_site_gen.pdbx_num_res 
_struct_site_gen.label_comp_id 
_struct_site_gen.label_asym_id 
_struct_site_gen.label_seq_id 
_struct_site_gen.pdbx_auth_ins_code 
_struct_site_gen.auth_comp_id 
_struct_site_gen.auth_asym_id 
_struct_site_gen.auth_seq_id 
_struct_site_gen.label_atom_id 
_struct_site_gen.label_alt_id 
_struct_site_gen.symmetry 
_struct_site_gen.details 
1  AC1 4 CYS A 13 ? CYS A 315 . ? 1_555 ? 
2  AC1 4 CYS A 16 ? CYS A 318 . ? 1_555 ? 
3  AC1 4 CYS A 24 ? CYS A 326 . ? 1_555 ? 
4  AC1 4 CYS A 27 ? CYS A 329 . ? 1_555 ? 
5  AC2 4 CYS A 29 ? CYS A 331 . ? 1_555 ? 
6  AC2 4 CYS A 32 ? CYS A 334 . ? 1_555 ? 
7  AC2 4 HIS A 52 ? HIS A 354 . ? 1_555 ? 
8  AC2 4 CYS A 55 ? CYS A 357 . ? 1_555 ? 
9  AC3 4 CYS A 44 ? CYS A 346 . ? 1_555 ? 
10 AC3 4 CYS A 47 ? CYS A 349 . ? 1_555 ? 
11 AC3 4 CYS A 71 ? CYS A 373 . ? 1_555 ? 
12 AC3 4 CYS A 74 ? CYS A 376 . ? 1_555 ? 
13 AC4 4 HIS A 30 ? HIS A 332 . ? 8_555 ? 
14 AC4 4 HIS A 30 ? HIS A 332 . ? 1_555 ? 
15 AC4 4 GLU A 73 ? GLU A 375 . ? 8_555 ? 
16 AC4 4 GLU A 73 ? GLU A 375 . ? 1_555 ? 
# 
_pdbx_validate_symm_contact.id                1 
_pdbx_validate_symm_contact.PDB_model_num     1 
_pdbx_validate_symm_contact.auth_atom_id_1    O 
_pdbx_validate_symm_contact.auth_asym_id_1    A 
_pdbx_validate_symm_contact.auth_comp_id_1    HOH 
_pdbx_validate_symm_contact.auth_seq_id_1     2016 
_pdbx_validate_symm_contact.PDB_ins_code_1    ? 
_pdbx_validate_symm_contact.label_alt_id_1    ? 
_pdbx_validate_symm_contact.site_symmetry_1   1_555 
_pdbx_validate_symm_contact.auth_atom_id_2    O 
_pdbx_validate_symm_contact.auth_asym_id_2    A 
_pdbx_validate_symm_contact.auth_comp_id_2    HOH 
_pdbx_validate_symm_contact.auth_seq_id_2     2016 
_pdbx_validate_symm_contact.PDB_ins_code_2    ? 
_pdbx_validate_symm_contact.label_alt_id_2    ? 
_pdbx_validate_symm_contact.site_symmetry_2   8_555 
_pdbx_validate_symm_contact.dist              2.06 
# 
loop_
_pdbx_validate_torsion.id 
_pdbx_validate_torsion.PDB_model_num 
_pdbx_validate_torsion.auth_comp_id 
_pdbx_validate_torsion.auth_asym_id 
_pdbx_validate_torsion.auth_seq_id 
_pdbx_validate_torsion.PDB_ins_code 
_pdbx_validate_torsion.label_alt_id 
_pdbx_validate_torsion.phi 
_pdbx_validate_torsion.psi 
1 1 ASP A 320 ? ? 56.80   19.59   
2 1 ALA A 330 ? ? -117.23 -155.99 
3 1 GLU A 348 ? ? -100.71 -60.96  
# 
loop_
_pdbx_struct_special_symmetry.id 
_pdbx_struct_special_symmetry.PDB_model_num 
_pdbx_struct_special_symmetry.auth_asym_id 
_pdbx_struct_special_symmetry.auth_comp_id 
_pdbx_struct_special_symmetry.auth_seq_id 
_pdbx_struct_special_symmetry.PDB_ins_code 
_pdbx_struct_special_symmetry.label_asym_id 
_pdbx_struct_special_symmetry.label_comp_id 
_pdbx_struct_special_symmetry.label_seq_id 
1 1 A ZN  1004 ? F ZN  . 
2 1 A HOH 2037 ? G HOH . 
3 1 A HOH 2064 ? G HOH . 
# 
loop_
_pdbx_unobs_or_zero_occ_residues.id 
_pdbx_unobs_or_zero_occ_residues.PDB_model_num 
_pdbx_unobs_or_zero_occ_residues.polymer_flag 
_pdbx_unobs_or_zero_occ_residues.occupancy_flag 
_pdbx_unobs_or_zero_occ_residues.auth_asym_id 
_pdbx_unobs_or_zero_occ_residues.auth_comp_id 
_pdbx_unobs_or_zero_occ_residues.auth_seq_id 
_pdbx_unobs_or_zero_occ_residues.PDB_ins_code 
_pdbx_unobs_or_zero_occ_residues.label_asym_id 
_pdbx_unobs_or_zero_occ_residues.label_comp_id 
_pdbx_unobs_or_zero_occ_residues.label_seq_id 
1  1 Y 1 A GLY 303 ? A GLY 1  
2  1 Y 1 A PRO 304 ? A PRO 2  
3  1 Y 1 A LEU 305 ? A LEU 3  
4  1 Y 1 A GLY 306 ? A GLY 4  
5  1 Y 1 A SER 307 ? A SER 5  
6  1 Y 1 A PRO 308 ? A PRO 6  
7  1 Y 1 A GLU 309 ? A GLU 7  
8  1 Y 1 A PHE 310 ? A PHE 8  
9  1 Y 1 A ASN 378 ? A ASN 76 
10 1 Y 1 A ASP 379 ? A ASP 77 
11 1 Y 1 B ARG 8   ? B ARG 8  
12 1 Y 1 B LYS 9   ? B LYS 9  
13 1 Y 1 B SER 10  ? B SER 10 
14 1 Y 1 B THR 11  ? B THR 11 
15 1 Y 1 B GLY 12  ? B GLY 12 
# 
loop_
_chem_comp_atom.comp_id 
_chem_comp_atom.atom_id 
_chem_comp_atom.type_symbol 
_chem_comp_atom.pdbx_aromatic_flag 
_chem_comp_atom.pdbx_stereo_config 
_chem_comp_atom.pdbx_ordinal 
ALA N    N  N N 1   
ALA CA   C  N S 2   
ALA C    C  N N 3   
ALA O    O  N N 4   
ALA CB   C  N N 5   
ALA OXT  O  N N 6   
ALA H    H  N N 7   
ALA H2   H  N N 8   
ALA HA   H  N N 9   
ALA HB1  H  N N 10  
ALA HB2  H  N N 11  
ALA HB3  H  N N 12  
ALA HXT  H  N N 13  
ARG N    N  N N 14  
ARG CA   C  N S 15  
ARG C    C  N N 16  
ARG O    O  N N 17  
ARG CB   C  N N 18  
ARG CG   C  N N 19  
ARG CD   C  N N 20  
ARG NE   N  N N 21  
ARG CZ   C  N N 22  
ARG NH1  N  N N 23  
ARG NH2  N  N N 24  
ARG OXT  O  N N 25  
ARG H    H  N N 26  
ARG H2   H  N N 27  
ARG HA   H  N N 28  
ARG HB2  H  N N 29  
ARG HB3  H  N N 30  
ARG HG2  H  N N 31  
ARG HG3  H  N N 32  
ARG HD2  H  N N 33  
ARG HD3  H  N N 34  
ARG HE   H  N N 35  
ARG HH11 H  N N 36  
ARG HH12 H  N N 37  
ARG HH21 H  N N 38  
ARG HH22 H  N N 39  
ARG HXT  H  N N 40  
ASN N    N  N N 41  
ASN CA   C  N S 42  
ASN C    C  N N 43  
ASN O    O  N N 44  
ASN CB   C  N N 45  
ASN CG   C  N N 46  
ASN OD1  O  N N 47  
ASN ND2  N  N N 48  
ASN OXT  O  N N 49  
ASN H    H  N N 50  
ASN H2   H  N N 51  
ASN HA   H  N N 52  
ASN HB2  H  N N 53  
ASN HB3  H  N N 54  
ASN HD21 H  N N 55  
ASN HD22 H  N N 56  
ASN HXT  H  N N 57  
ASP N    N  N N 58  
ASP CA   C  N S 59  
ASP C    C  N N 60  
ASP O    O  N N 61  
ASP CB   C  N N 62  
ASP CG   C  N N 63  
ASP OD1  O  N N 64  
ASP OD2  O  N N 65  
ASP OXT  O  N N 66  
ASP H    H  N N 67  
ASP H2   H  N N 68  
ASP HA   H  N N 69  
ASP HB2  H  N N 70  
ASP HB3  H  N N 71  
ASP HD2  H  N N 72  
ASP HXT  H  N N 73  
CYS N    N  N N 74  
CYS CA   C  N R 75  
CYS C    C  N N 76  
CYS O    O  N N 77  
CYS CB   C  N N 78  
CYS SG   S  N N 79  
CYS OXT  O  N N 80  
CYS H    H  N N 81  
CYS H2   H  N N 82  
CYS HA   H  N N 83  
CYS HB2  H  N N 84  
CYS HB3  H  N N 85  
CYS HG   H  N N 86  
CYS HXT  H  N N 87  
GLN N    N  N N 88  
GLN CA   C  N S 89  
GLN C    C  N N 90  
GLN O    O  N N 91  
GLN CB   C  N N 92  
GLN CG   C  N N 93  
GLN CD   C  N N 94  
GLN OE1  O  N N 95  
GLN NE2  N  N N 96  
GLN OXT  O  N N 97  
GLN H    H  N N 98  
GLN H2   H  N N 99  
GLN HA   H  N N 100 
GLN HB2  H  N N 101 
GLN HB3  H  N N 102 
GLN HG2  H  N N 103 
GLN HG3  H  N N 104 
GLN HE21 H  N N 105 
GLN HE22 H  N N 106 
GLN HXT  H  N N 107 
GLU N    N  N N 108 
GLU CA   C  N S 109 
GLU C    C  N N 110 
GLU O    O  N N 111 
GLU CB   C  N N 112 
GLU CG   C  N N 113 
GLU CD   C  N N 114 
GLU OE1  O  N N 115 
GLU OE2  O  N N 116 
GLU OXT  O  N N 117 
GLU H    H  N N 118 
GLU H2   H  N N 119 
GLU HA   H  N N 120 
GLU HB2  H  N N 121 
GLU HB3  H  N N 122 
GLU HG2  H  N N 123 
GLU HG3  H  N N 124 
GLU HE2  H  N N 125 
GLU HXT  H  N N 126 
GLY N    N  N N 127 
GLY CA   C  N N 128 
GLY C    C  N N 129 
GLY O    O  N N 130 
GLY OXT  O  N N 131 
GLY H    H  N N 132 
GLY H2   H  N N 133 
GLY HA2  H  N N 134 
GLY HA3  H  N N 135 
GLY HXT  H  N N 136 
HIS N    N  N N 137 
HIS CA   C  N S 138 
HIS C    C  N N 139 
HIS O    O  N N 140 
HIS CB   C  N N 141 
HIS CG   C  Y N 142 
HIS ND1  N  Y N 143 
HIS CD2  C  Y N 144 
HIS CE1  C  Y N 145 
HIS NE2  N  Y N 146 
HIS OXT  O  N N 147 
HIS H    H  N N 148 
HIS H2   H  N N 149 
HIS HA   H  N N 150 
HIS HB2  H  N N 151 
HIS HB3  H  N N 152 
HIS HD1  H  N N 153 
HIS HD2  H  N N 154 
HIS HE1  H  N N 155 
HIS HE2  H  N N 156 
HIS HXT  H  N N 157 
HOH O    O  N N 158 
HOH H1   H  N N 159 
HOH H2   H  N N 160 
ILE N    N  N N 161 
ILE CA   C  N S 162 
ILE C    C  N N 163 
ILE O    O  N N 164 
ILE CB   C  N S 165 
ILE CG1  C  N N 166 
ILE CG2  C  N N 167 
ILE CD1  C  N N 168 
ILE OXT  O  N N 169 
ILE H    H  N N 170 
ILE H2   H  N N 171 
ILE HA   H  N N 172 
ILE HB   H  N N 173 
ILE HG12 H  N N 174 
ILE HG13 H  N N 175 
ILE HG21 H  N N 176 
ILE HG22 H  N N 177 
ILE HG23 H  N N 178 
ILE HD11 H  N N 179 
ILE HD12 H  N N 180 
ILE HD13 H  N N 181 
ILE HXT  H  N N 182 
LEU N    N  N N 183 
LEU CA   C  N S 184 
LEU C    C  N N 185 
LEU O    O  N N 186 
LEU CB   C  N N 187 
LEU CG   C  N N 188 
LEU CD1  C  N N 189 
LEU CD2  C  N N 190 
LEU OXT  O  N N 191 
LEU H    H  N N 192 
LEU H2   H  N N 193 
LEU HA   H  N N 194 
LEU HB2  H  N N 195 
LEU HB3  H  N N 196 
LEU HG   H  N N 197 
LEU HD11 H  N N 198 
LEU HD12 H  N N 199 
LEU HD13 H  N N 200 
LEU HD21 H  N N 201 
LEU HD22 H  N N 202 
LEU HD23 H  N N 203 
LEU HXT  H  N N 204 
LYS N    N  N N 205 
LYS CA   C  N S 206 
LYS C    C  N N 207 
LYS O    O  N N 208 
LYS CB   C  N N 209 
LYS CG   C  N N 210 
LYS CD   C  N N 211 
LYS CE   C  N N 212 
LYS NZ   N  N N 213 
LYS OXT  O  N N 214 
LYS H    H  N N 215 
LYS H2   H  N N 216 
LYS HA   H  N N 217 
LYS HB2  H  N N 218 
LYS HB3  H  N N 219 
LYS HG2  H  N N 220 
LYS HG3  H  N N 221 
LYS HD2  H  N N 222 
LYS HD3  H  N N 223 
LYS HE2  H  N N 224 
LYS HE3  H  N N 225 
LYS HZ1  H  N N 226 
LYS HZ2  H  N N 227 
LYS HZ3  H  N N 228 
LYS HXT  H  N N 229 
MET N    N  N N 230 
MET CA   C  N S 231 
MET C    C  N N 232 
MET O    O  N N 233 
MET CB   C  N N 234 
MET CG   C  N N 235 
MET SD   S  N N 236 
MET CE   C  N N 237 
MET OXT  O  N N 238 
MET H    H  N N 239 
MET H2   H  N N 240 
MET HA   H  N N 241 
MET HB2  H  N N 242 
MET HB3  H  N N 243 
MET HG2  H  N N 244 
MET HG3  H  N N 245 
MET HE1  H  N N 246 
MET HE2  H  N N 247 
MET HE3  H  N N 248 
MET HXT  H  N N 249 
PHE N    N  N N 250 
PHE CA   C  N S 251 
PHE C    C  N N 252 
PHE O    O  N N 253 
PHE CB   C  N N 254 
PHE CG   C  Y N 255 
PHE CD1  C  Y N 256 
PHE CD2  C  Y N 257 
PHE CE1  C  Y N 258 
PHE CE2  C  Y N 259 
PHE CZ   C  Y N 260 
PHE OXT  O  N N 261 
PHE H    H  N N 262 
PHE H2   H  N N 263 
PHE HA   H  N N 264 
PHE HB2  H  N N 265 
PHE HB3  H  N N 266 
PHE HD1  H  N N 267 
PHE HD2  H  N N 268 
PHE HE1  H  N N 269 
PHE HE2  H  N N 270 
PHE HZ   H  N N 271 
PHE HXT  H  N N 272 
PRO N    N  N N 273 
PRO CA   C  N S 274 
PRO C    C  N N 275 
PRO O    O  N N 276 
PRO CB   C  N N 277 
PRO CG   C  N N 278 
PRO CD   C  N N 279 
PRO OXT  O  N N 280 
PRO H    H  N N 281 
PRO HA   H  N N 282 
PRO HB2  H  N N 283 
PRO HB3  H  N N 284 
PRO HG2  H  N N 285 
PRO HG3  H  N N 286 
PRO HD2  H  N N 287 
PRO HD3  H  N N 288 
PRO HXT  H  N N 289 
SER N    N  N N 290 
SER CA   C  N S 291 
SER C    C  N N 292 
SER O    O  N N 293 
SER CB   C  N N 294 
SER OG   O  N N 295 
SER OXT  O  N N 296 
SER H    H  N N 297 
SER H2   H  N N 298 
SER HA   H  N N 299 
SER HB2  H  N N 300 
SER HB3  H  N N 301 
SER HG   H  N N 302 
SER HXT  H  N N 303 
THR N    N  N N 304 
THR CA   C  N S 305 
THR C    C  N N 306 
THR O    O  N N 307 
THR CB   C  N R 308 
THR OG1  O  N N 309 
THR CG2  C  N N 310 
THR OXT  O  N N 311 
THR H    H  N N 312 
THR H2   H  N N 313 
THR HA   H  N N 314 
THR HB   H  N N 315 
THR HG1  H  N N 316 
THR HG21 H  N N 317 
THR HG22 H  N N 318 
THR HG23 H  N N 319 
THR HXT  H  N N 320 
TRP N    N  N N 321 
TRP CA   C  N S 322 
TRP C    C  N N 323 
TRP O    O  N N 324 
TRP CB   C  N N 325 
TRP CG   C  Y N 326 
TRP CD1  C  Y N 327 
TRP CD2  C  Y N 328 
TRP NE1  N  Y N 329 
TRP CE2  C  Y N 330 
TRP CE3  C  Y N 331 
TRP CZ2  C  Y N 332 
TRP CZ3  C  Y N 333 
TRP CH2  C  Y N 334 
TRP OXT  O  N N 335 
TRP H    H  N N 336 
TRP H2   H  N N 337 
TRP HA   H  N N 338 
TRP HB2  H  N N 339 
TRP HB3  H  N N 340 
TRP HD1  H  N N 341 
TRP HE1  H  N N 342 
TRP HE3  H  N N 343 
TRP HZ2  H  N N 344 
TRP HZ3  H  N N 345 
TRP HH2  H  N N 346 
TRP HXT  H  N N 347 
TYR N    N  N N 348 
TYR CA   C  N S 349 
TYR C    C  N N 350 
TYR O    O  N N 351 
TYR CB   C  N N 352 
TYR CG   C  Y N 353 
TYR CD1  C  Y N 354 
TYR CD2  C  Y N 355 
TYR CE1  C  Y N 356 
TYR CE2  C  Y N 357 
TYR CZ   C  Y N 358 
TYR OH   O  N N 359 
TYR OXT  O  N N 360 
TYR H    H  N N 361 
TYR H2   H  N N 362 
TYR HA   H  N N 363 
TYR HB2  H  N N 364 
TYR HB3  H  N N 365 
TYR HD1  H  N N 366 
TYR HD2  H  N N 367 
TYR HE1  H  N N 368 
TYR HE2  H  N N 369 
TYR HH   H  N N 370 
TYR HXT  H  N N 371 
VAL N    N  N N 372 
VAL CA   C  N S 373 
VAL C    C  N N 374 
VAL O    O  N N 375 
VAL CB   C  N N 376 
VAL CG1  C  N N 377 
VAL CG2  C  N N 378 
VAL OXT  O  N N 379 
VAL H    H  N N 380 
VAL H2   H  N N 381 
VAL HA   H  N N 382 
VAL HB   H  N N 383 
VAL HG11 H  N N 384 
VAL HG12 H  N N 385 
VAL HG13 H  N N 386 
VAL HG21 H  N N 387 
VAL HG22 H  N N 388 
VAL HG23 H  N N 389 
VAL HXT  H  N N 390 
ZN  ZN   ZN N N 391 
# 
loop_
_chem_comp_bond.comp_id 
_chem_comp_bond.atom_id_1 
_chem_comp_bond.atom_id_2 
_chem_comp_bond.value_order 
_chem_comp_bond.pdbx_aromatic_flag 
_chem_comp_bond.pdbx_stereo_config 
_chem_comp_bond.pdbx_ordinal 
ALA N   CA   sing N N 1   
ALA N   H    sing N N 2   
ALA N   H2   sing N N 3   
ALA CA  C    sing N N 4   
ALA CA  CB   sing N N 5   
ALA CA  HA   sing N N 6   
ALA C   O    doub N N 7   
ALA C   OXT  sing N N 8   
ALA CB  HB1  sing N N 9   
ALA CB  HB2  sing N N 10  
ALA CB  HB3  sing N N 11  
ALA OXT HXT  sing N N 12  
ARG N   CA   sing N N 13  
ARG N   H    sing N N 14  
ARG N   H2   sing N N 15  
ARG CA  C    sing N N 16  
ARG CA  CB   sing N N 17  
ARG CA  HA   sing N N 18  
ARG C   O    doub N N 19  
ARG C   OXT  sing N N 20  
ARG CB  CG   sing N N 21  
ARG CB  HB2  sing N N 22  
ARG CB  HB3  sing N N 23  
ARG CG  CD   sing N N 24  
ARG CG  HG2  sing N N 25  
ARG CG  HG3  sing N N 26  
ARG CD  NE   sing N N 27  
ARG CD  HD2  sing N N 28  
ARG CD  HD3  sing N N 29  
ARG NE  CZ   sing N N 30  
ARG NE  HE   sing N N 31  
ARG CZ  NH1  sing N N 32  
ARG CZ  NH2  doub N N 33  
ARG NH1 HH11 sing N N 34  
ARG NH1 HH12 sing N N 35  
ARG NH2 HH21 sing N N 36  
ARG NH2 HH22 sing N N 37  
ARG OXT HXT  sing N N 38  
ASN N   CA   sing N N 39  
ASN N   H    sing N N 40  
ASN N   H2   sing N N 41  
ASN CA  C    sing N N 42  
ASN CA  CB   sing N N 43  
ASN CA  HA   sing N N 44  
ASN C   O    doub N N 45  
ASN C   OXT  sing N N 46  
ASN CB  CG   sing N N 47  
ASN CB  HB2  sing N N 48  
ASN CB  HB3  sing N N 49  
ASN CG  OD1  doub N N 50  
ASN CG  ND2  sing N N 51  
ASN ND2 HD21 sing N N 52  
ASN ND2 HD22 sing N N 53  
ASN OXT HXT  sing N N 54  
ASP N   CA   sing N N 55  
ASP N   H    sing N N 56  
ASP N   H2   sing N N 57  
ASP CA  C    sing N N 58  
ASP CA  CB   sing N N 59  
ASP CA  HA   sing N N 60  
ASP C   O    doub N N 61  
ASP C   OXT  sing N N 62  
ASP CB  CG   sing N N 63  
ASP CB  HB2  sing N N 64  
ASP CB  HB3  sing N N 65  
ASP CG  OD1  doub N N 66  
ASP CG  OD2  sing N N 67  
ASP OD2 HD2  sing N N 68  
ASP OXT HXT  sing N N 69  
CYS N   CA   sing N N 70  
CYS N   H    sing N N 71  
CYS N   H2   sing N N 72  
CYS CA  C    sing N N 73  
CYS CA  CB   sing N N 74  
CYS CA  HA   sing N N 75  
CYS C   O    doub N N 76  
CYS C   OXT  sing N N 77  
CYS CB  SG   sing N N 78  
CYS CB  HB2  sing N N 79  
CYS CB  HB3  sing N N 80  
CYS SG  HG   sing N N 81  
CYS OXT HXT  sing N N 82  
GLN N   CA   sing N N 83  
GLN N   H    sing N N 84  
GLN N   H2   sing N N 85  
GLN CA  C    sing N N 86  
GLN CA  CB   sing N N 87  
GLN CA  HA   sing N N 88  
GLN C   O    doub N N 89  
GLN C   OXT  sing N N 90  
GLN CB  CG   sing N N 91  
GLN CB  HB2  sing N N 92  
GLN CB  HB3  sing N N 93  
GLN CG  CD   sing N N 94  
GLN CG  HG2  sing N N 95  
GLN CG  HG3  sing N N 96  
GLN CD  OE1  doub N N 97  
GLN CD  NE2  sing N N 98  
GLN NE2 HE21 sing N N 99  
GLN NE2 HE22 sing N N 100 
GLN OXT HXT  sing N N 101 
GLU N   CA   sing N N 102 
GLU N   H    sing N N 103 
GLU N   H2   sing N N 104 
GLU CA  C    sing N N 105 
GLU CA  CB   sing N N 106 
GLU CA  HA   sing N N 107 
GLU C   O    doub N N 108 
GLU C   OXT  sing N N 109 
GLU CB  CG   sing N N 110 
GLU CB  HB2  sing N N 111 
GLU CB  HB3  sing N N 112 
GLU CG  CD   sing N N 113 
GLU CG  HG2  sing N N 114 
GLU CG  HG3  sing N N 115 
GLU CD  OE1  doub N N 116 
GLU CD  OE2  sing N N 117 
GLU OE2 HE2  sing N N 118 
GLU OXT HXT  sing N N 119 
GLY N   CA   sing N N 120 
GLY N   H    sing N N 121 
GLY N   H2   sing N N 122 
GLY CA  C    sing N N 123 
GLY CA  HA2  sing N N 124 
GLY CA  HA3  sing N N 125 
GLY C   O    doub N N 126 
GLY C   OXT  sing N N 127 
GLY OXT HXT  sing N N 128 
HIS N   CA   sing N N 129 
HIS N   H    sing N N 130 
HIS N   H2   sing N N 131 
HIS CA  C    sing N N 132 
HIS CA  CB   sing N N 133 
HIS CA  HA   sing N N 134 
HIS C   O    doub N N 135 
HIS C   OXT  sing N N 136 
HIS CB  CG   sing N N 137 
HIS CB  HB2  sing N N 138 
HIS CB  HB3  sing N N 139 
HIS CG  ND1  sing Y N 140 
HIS CG  CD2  doub Y N 141 
HIS ND1 CE1  doub Y N 142 
HIS ND1 HD1  sing N N 143 
HIS CD2 NE2  sing Y N 144 
HIS CD2 HD2  sing N N 145 
HIS CE1 NE2  sing Y N 146 
HIS CE1 HE1  sing N N 147 
HIS NE2 HE2  sing N N 148 
HIS OXT HXT  sing N N 149 
HOH O   H1   sing N N 150 
HOH O   H2   sing N N 151 
ILE N   CA   sing N N 152 
ILE N   H    sing N N 153 
ILE N   H2   sing N N 154 
ILE CA  C    sing N N 155 
ILE CA  CB   sing N N 156 
ILE CA  HA   sing N N 157 
ILE C   O    doub N N 158 
ILE C   OXT  sing N N 159 
ILE CB  CG1  sing N N 160 
ILE CB  CG2  sing N N 161 
ILE CB  HB   sing N N 162 
ILE CG1 CD1  sing N N 163 
ILE CG1 HG12 sing N N 164 
ILE CG1 HG13 sing N N 165 
ILE CG2 HG21 sing N N 166 
ILE CG2 HG22 sing N N 167 
ILE CG2 HG23 sing N N 168 
ILE CD1 HD11 sing N N 169 
ILE CD1 HD12 sing N N 170 
ILE CD1 HD13 sing N N 171 
ILE OXT HXT  sing N N 172 
LEU N   CA   sing N N 173 
LEU N   H    sing N N 174 
LEU N   H2   sing N N 175 
LEU CA  C    sing N N 176 
LEU CA  CB   sing N N 177 
LEU CA  HA   sing N N 178 
LEU C   O    doub N N 179 
LEU C   OXT  sing N N 180 
LEU CB  CG   sing N N 181 
LEU CB  HB2  sing N N 182 
LEU CB  HB3  sing N N 183 
LEU CG  CD1  sing N N 184 
LEU CG  CD2  sing N N 185 
LEU CG  HG   sing N N 186 
LEU CD1 HD11 sing N N 187 
LEU CD1 HD12 sing N N 188 
LEU CD1 HD13 sing N N 189 
LEU CD2 HD21 sing N N 190 
LEU CD2 HD22 sing N N 191 
LEU CD2 HD23 sing N N 192 
LEU OXT HXT  sing N N 193 
LYS N   CA   sing N N 194 
LYS N   H    sing N N 195 
LYS N   H2   sing N N 196 
LYS CA  C    sing N N 197 
LYS CA  CB   sing N N 198 
LYS CA  HA   sing N N 199 
LYS C   O    doub N N 200 
LYS C   OXT  sing N N 201 
LYS CB  CG   sing N N 202 
LYS CB  HB2  sing N N 203 
LYS CB  HB3  sing N N 204 
LYS CG  CD   sing N N 205 
LYS CG  HG2  sing N N 206 
LYS CG  HG3  sing N N 207 
LYS CD  CE   sing N N 208 
LYS CD  HD2  sing N N 209 
LYS CD  HD3  sing N N 210 
LYS CE  NZ   sing N N 211 
LYS CE  HE2  sing N N 212 
LYS CE  HE3  sing N N 213 
LYS NZ  HZ1  sing N N 214 
LYS NZ  HZ2  sing N N 215 
LYS NZ  HZ3  sing N N 216 
LYS OXT HXT  sing N N 217 
MET N   CA   sing N N 218 
MET N   H    sing N N 219 
MET N   H2   sing N N 220 
MET CA  C    sing N N 221 
MET CA  CB   sing N N 222 
MET CA  HA   sing N N 223 
MET C   O    doub N N 224 
MET C   OXT  sing N N 225 
MET CB  CG   sing N N 226 
MET CB  HB2  sing N N 227 
MET CB  HB3  sing N N 228 
MET CG  SD   sing N N 229 
MET CG  HG2  sing N N 230 
MET CG  HG3  sing N N 231 
MET SD  CE   sing N N 232 
MET CE  HE1  sing N N 233 
MET CE  HE2  sing N N 234 
MET CE  HE3  sing N N 235 
MET OXT HXT  sing N N 236 
PHE N   CA   sing N N 237 
PHE N   H    sing N N 238 
PHE N   H2   sing N N 239 
PHE CA  C    sing N N 240 
PHE CA  CB   sing N N 241 
PHE CA  HA   sing N N 242 
PHE C   O    doub N N 243 
PHE C   OXT  sing N N 244 
PHE CB  CG   sing N N 245 
PHE CB  HB2  sing N N 246 
PHE CB  HB3  sing N N 247 
PHE CG  CD1  doub Y N 248 
PHE CG  CD2  sing Y N 249 
PHE CD1 CE1  sing Y N 250 
PHE CD1 HD1  sing N N 251 
PHE CD2 CE2  doub Y N 252 
PHE CD2 HD2  sing N N 253 
PHE CE1 CZ   doub Y N 254 
PHE CE1 HE1  sing N N 255 
PHE CE2 CZ   sing Y N 256 
PHE CE2 HE2  sing N N 257 
PHE CZ  HZ   sing N N 258 
PHE OXT HXT  sing N N 259 
PRO N   CA   sing N N 260 
PRO N   CD   sing N N 261 
PRO N   H    sing N N 262 
PRO CA  C    sing N N 263 
PRO CA  CB   sing N N 264 
PRO CA  HA   sing N N 265 
PRO C   O    doub N N 266 
PRO C   OXT  sing N N 267 
PRO CB  CG   sing N N 268 
PRO CB  HB2  sing N N 269 
PRO CB  HB3  sing N N 270 
PRO CG  CD   sing N N 271 
PRO CG  HG2  sing N N 272 
PRO CG  HG3  sing N N 273 
PRO CD  HD2  sing N N 274 
PRO CD  HD3  sing N N 275 
PRO OXT HXT  sing N N 276 
SER N   CA   sing N N 277 
SER N   H    sing N N 278 
SER N   H2   sing N N 279 
SER CA  C    sing N N 280 
SER CA  CB   sing N N 281 
SER CA  HA   sing N N 282 
SER C   O    doub N N 283 
SER C   OXT  sing N N 284 
SER CB  OG   sing N N 285 
SER CB  HB2  sing N N 286 
SER CB  HB3  sing N N 287 
SER OG  HG   sing N N 288 
SER OXT HXT  sing N N 289 
THR N   CA   sing N N 290 
THR N   H    sing N N 291 
THR N   H2   sing N N 292 
THR CA  C    sing N N 293 
THR CA  CB   sing N N 294 
THR CA  HA   sing N N 295 
THR C   O    doub N N 296 
THR C   OXT  sing N N 297 
THR CB  OG1  sing N N 298 
THR CB  CG2  sing N N 299 
THR CB  HB   sing N N 300 
THR OG1 HG1  sing N N 301 
THR CG2 HG21 sing N N 302 
THR CG2 HG22 sing N N 303 
THR CG2 HG23 sing N N 304 
THR OXT HXT  sing N N 305 
TRP N   CA   sing N N 306 
TRP N   H    sing N N 307 
TRP N   H2   sing N N 308 
TRP CA  C    sing N N 309 
TRP CA  CB   sing N N 310 
TRP CA  HA   sing N N 311 
TRP C   O    doub N N 312 
TRP C   OXT  sing N N 313 
TRP CB  CG   sing N N 314 
TRP CB  HB2  sing N N 315 
TRP CB  HB3  sing N N 316 
TRP CG  CD1  doub Y N 317 
TRP CG  CD2  sing Y N 318 
TRP CD1 NE1  sing Y N 319 
TRP CD1 HD1  sing N N 320 
TRP CD2 CE2  doub Y N 321 
TRP CD2 CE3  sing Y N 322 
TRP NE1 CE2  sing Y N 323 
TRP NE1 HE1  sing N N 324 
TRP CE2 CZ2  sing Y N 325 
TRP CE3 CZ3  doub Y N 326 
TRP CE3 HE3  sing N N 327 
TRP CZ2 CH2  doub Y N 328 
TRP CZ2 HZ2  sing N N 329 
TRP CZ3 CH2  sing Y N 330 
TRP CZ3 HZ3  sing N N 331 
TRP CH2 HH2  sing N N 332 
TRP OXT HXT  sing N N 333 
TYR N   CA   sing N N 334 
TYR N   H    sing N N 335 
TYR N   H2   sing N N 336 
TYR CA  C    sing N N 337 
TYR CA  CB   sing N N 338 
TYR CA  HA   sing N N 339 
TYR C   O    doub N N 340 
TYR C   OXT  sing N N 341 
TYR CB  CG   sing N N 342 
TYR CB  HB2  sing N N 343 
TYR CB  HB3  sing N N 344 
TYR CG  CD1  doub Y N 345 
TYR CG  CD2  sing Y N 346 
TYR CD1 CE1  sing Y N 347 
TYR CD1 HD1  sing N N 348 
TYR CD2 CE2  doub Y N 349 
TYR CD2 HD2  sing N N 350 
TYR CE1 CZ   doub Y N 351 
TYR CE1 HE1  sing N N 352 
TYR CE2 CZ   sing Y N 353 
TYR CE2 HE2  sing N N 354 
TYR CZ  OH   sing N N 355 
TYR OH  HH   sing N N 356 
TYR OXT HXT  sing N N 357 
VAL N   CA   sing N N 358 
VAL N   H    sing N N 359 
VAL N   H2   sing N N 360 
VAL CA  C    sing N N 361 
VAL CA  CB   sing N N 362 
VAL CA  HA   sing N N 363 
VAL C   O    doub N N 364 
VAL C   OXT  sing N N 365 
VAL CB  CG1  sing N N 366 
VAL CB  CG2  sing N N 367 
VAL CB  HB   sing N N 368 
VAL CG1 HG11 sing N N 369 
VAL CG1 HG12 sing N N 370 
VAL CG1 HG13 sing N N 371 
VAL CG2 HG21 sing N N 372 
VAL CG2 HG22 sing N N 373 
VAL CG2 HG23 sing N N 374 
VAL OXT HXT  sing N N 375 
# 
_atom_sites.entry_id                    3SHB 
_atom_sites.fract_transf_matrix[1][1]   -0.02940531 
_atom_sites.fract_transf_matrix[1][2]   -0.00487532 
_atom_sites.fract_transf_matrix[1][3]   0.01031732 
_atom_sites.fract_transf_matrix[2][1]   -0.00769230 
_atom_sites.fract_transf_matrix[2][2]   0.00725208 
_atom_sites.fract_transf_matrix[2][3]   0.02971650 
_atom_sites.fract_transf_matrix[3][1]   -0.00116024 
_atom_sites.fract_transf_matrix[3][2]   0.00419556 
_atom_sites.fract_transf_matrix[3][3]   -0.00132423 
_atom_sites.fract_transf_vector[1]      -0.206572 
_atom_sites.fract_transf_vector[2]      0.118326 
_atom_sites.fract_transf_vector[3]      0.043690 
# 
loop_
_atom_type.symbol 
C  
N  
O  
S  
ZN 
# 
loop_
_atom_site.group_PDB 
_atom_site.id 
_atom_site.type_symbol 
_atom_site.label_atom_id 
_atom_site.label_alt_id 
_atom_site.label_comp_id 
_atom_site.label_asym_id 
_atom_site.label_entity_id 
_atom_site.label_seq_id 
_atom_site.pdbx_PDB_ins_code 
_atom_site.Cartn_x 
_atom_site.Cartn_y 
_atom_site.Cartn_z 
_atom_site.occupancy 
_atom_site.B_iso_or_equiv 
_atom_site.pdbx_formal_charge 
_atom_site.auth_seq_id 
_atom_site.auth_comp_id 
_atom_site.auth_asym_id 
_atom_site.auth_atom_id 
_atom_site.pdbx_PDB_model_num 
ATOM   1   N  N   . SER A 1 9  ? 22.427  2.475   4.679   1.00 56.77 ? 311  SER A N   1 
ATOM   2   C  CA  . SER A 1 9  ? 21.751  1.188   4.811   1.00 60.99 ? 311  SER A CA  1 
ATOM   3   C  C   . SER A 1 9  ? 20.715  0.908   3.703   1.00 61.88 ? 311  SER A C   1 
ATOM   4   O  O   . SER A 1 9  ? 20.245  -0.230  3.581   1.00 61.94 ? 311  SER A O   1 
ATOM   5   C  CB  . SER A 1 9  ? 21.090  1.068   6.186   1.00 60.96 ? 311  SER A CB  1 
ATOM   6   O  OG  . SER A 1 9  ? 19.953  1.911   6.286   1.00 61.66 ? 311  SER A OG  1 
ATOM   7   N  N   . GLY A 1 10 ? 20.366  1.930   2.910   1.00 55.54 ? 312  GLY A N   1 
ATOM   8   C  CA  . GLY A 1 10 ? 19.384  1.801   1.830   1.00 52.58 ? 312  GLY A CA  1 
ATOM   9   C  C   . GLY A 1 10 ? 19.889  0.845   0.763   1.00 56.26 ? 312  GLY A C   1 
ATOM   10  O  O   . GLY A 1 10 ? 21.078  0.501   0.771   1.00 60.75 ? 312  GLY A O   1 
ATOM   11  N  N   . PRO A 1 11 ? 19.010  0.413   -0.171  1.00 55.28 ? 313  PRO A N   1 
ATOM   12  C  CA  . PRO A 1 11 ? 17.629  0.864   -0.364  1.00 51.89 ? 313  PRO A CA  1 
ATOM   13  C  C   . PRO A 1 11 ? 16.670  0.171   0.602   1.00 49.21 ? 313  PRO A C   1 
ATOM   14  O  O   . PRO A 1 11 ? 16.983  -0.891  1.127   1.00 52.27 ? 313  PRO A O   1 
ATOM   15  C  CB  . PRO A 1 11 ? 17.341  0.401   -1.786  1.00 47.08 ? 313  PRO A CB  1 
ATOM   16  C  CG  . PRO A 1 11 ? 17.996  -0.965  -1.814  1.00 51.01 ? 313  PRO A CG  1 
ATOM   17  C  CD  . PRO A 1 11 ? 19.297  -0.772  -1.012  1.00 54.54 ? 313  PRO A CD  1 
ATOM   18  N  N   . SER A 1 12 ? 15.502  0.759   0.823   1.00 50.24 ? 314  SER A N   1 
ATOM   19  C  CA  . SER A 1 12 ? 14.551  0.166   1.761   1.00 49.83 ? 314  SER A CA  1 
ATOM   20  C  C   . SER A 1 12 ? 13.925  -1.138  1.252   1.00 47.35 ? 314  SER A C   1 
ATOM   21  O  O   . SER A 1 12 ? 13.516  -1.980  2.051   1.00 48.57 ? 314  SER A O   1 
ATOM   22  C  CB  . SER A 1 12 ? 13.483  1.182   2.201   1.00 51.46 ? 314  SER A CB  1 
ATOM   23  O  OG  . SER A 1 12 ? 12.927  1.909   1.109   1.00 54.62 ? 314  SER A OG  1 
ATOM   24  N  N   . CYS A 1 13 ? 13.857  -1.305  -0.070  1.00 44.88 ? 315  CYS A N   1 
ATOM   25  C  CA  . CYS A 1 13 ? 13.287  -2.510  -0.671  1.00 42.83 ? 315  CYS A CA  1 
ATOM   26  C  C   . CYS A 1 13 ? 14.255  -3.187  -1.624  1.00 42.33 ? 315  CYS A C   1 
ATOM   27  O  O   . CYS A 1 13 ? 14.711  -2.583  -2.588  1.00 41.67 ? 315  CYS A O   1 
ATOM   28  C  CB  . CYS A 1 13 ? 11.986  -2.207  -1.426  1.00 40.32 ? 315  CYS A CB  1 
ATOM   29  S  SG  . CYS A 1 13 ? 11.218  -3.700  -2.145  1.00 35.75 ? 315  CYS A SG  1 
ATOM   30  N  N   . LYS A 1 14 ? 14.539  -4.454  -1.366  1.00 40.12 ? 316  LYS A N   1 
ATOM   31  C  CA  . LYS A 1 14 ? 15.532  -5.182  -2.145  1.00 44.15 ? 316  LYS A CA  1 
ATOM   32  C  C   . LYS A 1 14 ? 14.950  -5.762  -3.424  1.00 42.71 ? 316  LYS A C   1 
ATOM   33  O  O   . LYS A 1 14 ? 15.683  -6.279  -4.276  1.00 42.92 ? 316  LYS A O   1 
ATOM   34  C  CB  . LYS A 1 14 ? 16.141  -6.309  -1.299  1.00 44.87 ? 316  LYS A CB  1 
ATOM   35  C  CG  . LYS A 1 14 ? 16.943  -5.814  -0.110  1.00 45.10 ? 316  LYS A CG  1 
ATOM   36  C  CD  . LYS A 1 14 ? 18.424  -5.813  -0.404  1.00 53.16 ? 316  LYS A CD  1 
ATOM   37  C  CE  . LYS A 1 14 ? 18.964  -7.246  -0.590  1.00 52.12 ? 316  LYS A CE  1 
ATOM   38  N  NZ  . LYS A 1 14 ? 20.358  -7.422  -0.057  1.00 56.65 ? 316  LYS A NZ  1 
ATOM   39  N  N   . HIS A 1 15 ? 13.629  -5.705  -3.555  1.00 39.98 ? 317  HIS A N   1 
ATOM   40  C  CA  . HIS A 1 15 ? 12.970  -6.256  -4.731  1.00 36.72 ? 317  HIS A CA  1 
ATOM   41  C  C   . HIS A 1 15 ? 13.082  -5.290  -5.912  1.00 40.82 ? 317  HIS A C   1 
ATOM   42  O  O   . HIS A 1 15 ? 13.324  -5.699  -7.038  1.00 37.56 ? 317  HIS A O   1 
ATOM   43  C  CB  . HIS A 1 15 ? 11.503  -6.535  -4.419  1.00 37.55 ? 317  HIS A CB  1 
ATOM   44  C  CG  . HIS A 1 15 ? 11.308  -7.694  -3.486  1.00 34.30 ? 317  HIS A CG  1 
ATOM   45  N  ND1 . HIS A 1 15 ? 11.007  -8.959  -3.938  1.00 38.84 ? 317  HIS A ND1 1 
ATOM   46  C  CD2 . HIS A 1 15 ? 11.403  -7.782  -2.140  1.00 40.04 ? 317  HIS A CD2 1 
ATOM   47  C  CE1 . HIS A 1 15 ? 10.916  -9.783  -2.906  1.00 38.25 ? 317  HIS A CE1 1 
ATOM   48  N  NE2 . HIS A 1 15 ? 11.153  -9.099  -1.803  1.00 40.78 ? 317  HIS A NE2 1 
ATOM   49  N  N   . CYS A 1 16 ? 12.916  -4.008  -5.636  1.00 35.84 ? 318  CYS A N   1 
ATOM   50  C  CA  . CYS A 1 16 ? 12.966  -3.020  -6.702  1.00 39.83 ? 318  CYS A CA  1 
ATOM   51  C  C   . CYS A 1 16 ? 14.164  -2.073  -6.591  1.00 41.34 ? 318  CYS A C   1 
ATOM   52  O  O   . CYS A 1 16 ? 14.375  -1.221  -7.478  1.00 36.80 ? 318  CYS A O   1 
ATOM   53  C  CB  . CYS A 1 16 ? 11.674  -2.206  -6.671  1.00 32.18 ? 318  CYS A CB  1 
ATOM   54  S  SG  . CYS A 1 16 ? 11.511  -1.212  -5.189  1.00 33.36 ? 318  CYS A SG  1 
ATOM   55  N  N   . LYS A 1 17 ? 14.927  -2.212  -5.503  1.00 40.72 ? 319  LYS A N   1 
ATOM   56  C  CA  . LYS A 1 17 ? 16.000  -1.274  -5.147  1.00 39.06 ? 319  LYS A CA  1 
ATOM   57  C  C   . LYS A 1 17 ? 15.533  0.183   -5.075  1.00 43.92 ? 319  LYS A C   1 
ATOM   58  O  O   . LYS A 1 17 ? 16.275  1.111   -5.446  1.00 41.53 ? 319  LYS A O   1 
ATOM   59  C  CB  . LYS A 1 17 ? 17.170  -1.407  -6.123  1.00 40.05 ? 319  LYS A CB  1 
ATOM   60  C  CG  . LYS A 1 17 ? 17.754  -2.796  -6.129  1.00 43.83 ? 319  LYS A CG  1 
ATOM   61  C  CD  . LYS A 1 17 ? 18.601  -3.082  -7.358  1.00 49.65 ? 319  LYS A CD  1 
ATOM   62  C  CE  . LYS A 1 17 ? 18.971  -4.575  -7.418  1.00 50.87 ? 319  LYS A CE  1 
ATOM   63  N  NZ  . LYS A 1 17 ? 19.832  -4.941  -8.575  1.00 51.36 ? 319  LYS A NZ  1 
ATOM   64  N  N   . ASP A 1 18 ? 14.303  0.386   -4.610  1.00 39.51 ? 320  ASP A N   1 
ATOM   65  C  CA  . ASP A 1 18 ? 13.739  1.722   -4.546  1.00 41.70 ? 320  ASP A CA  1 
ATOM   66  C  C   . ASP A 1 18 ? 13.717  2.446   -5.890  1.00 40.15 ? 320  ASP A C   1 
ATOM   67  O  O   . ASP A 1 18 ? 13.601  3.672   -5.924  1.00 42.46 ? 320  ASP A O   1 
ATOM   68  C  CB  . ASP A 1 18 ? 14.513  2.576   -3.543  1.00 43.71 ? 320  ASP A CB  1 
ATOM   69  C  CG  . ASP A 1 18 ? 14.426  2.042   -2.145  1.00 48.67 ? 320  ASP A CG  1 
ATOM   70  O  OD1 . ASP A 1 18 ? 13.788  0.970   -1.951  1.00 47.90 ? 320  ASP A OD1 1 
ATOM   71  O  OD2 . ASP A 1 18 ? 15.007  2.694   -1.245  1.00 48.67 ? 320  ASP A OD2 1 
ATOM   72  N  N   . ASP A 1 19 ? 13.812  1.719   -6.997  1.00 38.36 ? 321  ASP A N   1 
ATOM   73  C  CA  . ASP A 1 19 ? 13.656  2.377   -8.303  1.00 38.02 ? 321  ASP A CA  1 
ATOM   74  C  C   . ASP A 1 19 ? 12.228  2.902   -8.496  1.00 36.40 ? 321  ASP A C   1 
ATOM   75  O  O   . ASP A 1 19 ? 11.284  2.147   -8.702  1.00 33.47 ? 321  ASP A O   1 
ATOM   76  C  CB  . ASP A 1 19 ? 14.061  1.442   -9.445  1.00 37.72 ? 321  ASP A CB  1 
ATOM   77  C  CG  . ASP A 1 19 ? 13.962  2.109   -10.820 1.00 38.37 ? 321  ASP A CG  1 
ATOM   78  O  OD1 . ASP A 1 19 ? 13.607  3.318   -10.880 1.00 36.99 ? 321  ASP A OD1 1 
ATOM   79  O  OD2 . ASP A 1 19 ? 14.222  1.417   -11.833 1.00 36.42 ? 321  ASP A OD2 1 
ATOM   80  N  N   . VAL A 1 20 ? 12.070  4.217   -8.441  1.00 35.28 ? 322  VAL A N   1 
ATOM   81  C  CA  . VAL A 1 20 ? 10.746  4.800   -8.491  1.00 36.15 ? 322  VAL A CA  1 
ATOM   82  C  C   . VAL A 1 20 ? 10.093  4.614   -9.853  1.00 34.72 ? 322  VAL A C   1 
ATOM   83  O  O   . VAL A 1 20 ? 8.893   4.784   -10.006 1.00 34.64 ? 322  VAL A O   1 
ATOM   84  C  CB  . VAL A 1 20 ? 10.775  6.298   -8.123  1.00 39.16 ? 322  VAL A CB  1 
ATOM   85  C  CG1 . VAL A 1 20 ? 11.479  7.092   -9.203  1.00 38.67 ? 322  VAL A CG1 1 
ATOM   86  C  CG2 . VAL A 1 20 ? 9.361   6.822   -7.952  1.00 46.88 ? 322  VAL A CG2 1 
ATOM   87  N  N   . ASN A 1 21 ? 10.889  4.260   -10.852 1.00 36.91 ? 323  ASN A N   1 
ATOM   88  C  CA  . ASN A 1 21 ? 10.340  4.011   -12.180 1.00 38.89 ? 323  ASN A CA  1 
ATOM   89  C  C   . ASN A 1 21 ? 9.988   2.565   -12.436 1.00 38.20 ? 323  ASN A C   1 
ATOM   90  O  O   . ASN A 1 21 ? 9.546   2.206   -13.516 1.00 37.42 ? 323  ASN A O   1 
ATOM   91  C  CB  . ASN A 1 21 ? 11.277  4.544   -13.260 1.00 40.00 ? 323  ASN A CB  1 
ATOM   92  C  CG  . ASN A 1 21 ? 11.324  6.027   -13.255 1.00 41.96 ? 323  ASN A CG  1 
ATOM   93  O  OD1 . ASN A 1 21 ? 10.289  6.686   -13.393 1.00 44.41 ? 323  ASN A OD1 1 
ATOM   94  N  ND2 . ASN A 1 21 ? 12.502  6.578   -13.040 1.00 41.88 ? 323  ASN A ND2 1 
ATOM   95  N  N   . ARG A 1 22 ? 10.170  1.733   -11.421 1.00 35.25 ? 324  ARG A N   1 
ATOM   96  C  CA  . ARG A 1 22 ? 9.810   0.340   -11.524 1.00 33.35 ? 324  ARG A CA  1 
ATOM   97  C  C   . ARG A 1 22 ? 8.573   0.079   -10.642 1.00 34.57 ? 324  ARG A C   1 
ATOM   98  O  O   . ARG A 1 22 ? 8.484   0.585   -9.525  1.00 34.57 ? 324  ARG A O   1 
ATOM   99  C  CB  . ARG A 1 22 ? 10.999  -0.491  -11.045 1.00 34.37 ? 324  ARG A CB  1 
ATOM   100 C  CG  . ARG A 1 22 ? 10.868  -1.958  -11.225 1.00 38.09 ? 324  ARG A CG  1 
ATOM   101 C  CD  . ARG A 1 22 ? 12.042  -2.634  -10.521 1.00 43.07 ? 324  ARG A CD  1 
ATOM   102 N  NE  . ARG A 1 22 ? 12.055  -4.096  -10.623 1.00 50.01 ? 324  ARG A NE  1 
ATOM   103 C  CZ  . ARG A 1 22 ? 11.230  -4.934  -9.983  1.00 50.15 ? 324  ARG A CZ  1 
ATOM   104 N  NH1 . ARG A 1 22 ? 10.248  -4.484  -9.193  1.00 43.87 ? 324  ARG A NH1 1 
ATOM   105 N  NH2 . ARG A 1 22 ? 11.377  -6.251  -10.158 1.00 48.60 ? 324  ARG A NH2 1 
ATOM   106 N  N   . LEU A 1 23 ? 7.617   -0.694  -11.146 1.00 30.72 ? 325  LEU A N   1 
ATOM   107 C  CA  . LEU A 1 23 ? 6.479   -1.121  -10.336 1.00 30.04 ? 325  LEU A CA  1 
ATOM   108 C  C   . LEU A 1 23 ? 6.987   -2.095  -9.261  1.00 32.57 ? 325  LEU A C   1 
ATOM   109 O  O   . LEU A 1 23 ? 7.949   -2.840  -9.494  1.00 33.01 ? 325  LEU A O   1 
ATOM   110 C  CB  . LEU A 1 23 ? 5.457   -1.831  -11.206 1.00 30.76 ? 325  LEU A CB  1 
ATOM   111 C  CG  . LEU A 1 23 ? 4.788   -0.921  -12.237 1.00 34.07 ? 325  LEU A CG  1 
ATOM   112 C  CD1 . LEU A 1 23 ? 3.875   -1.768  -13.074 1.00 36.14 ? 325  LEU A CD1 1 
ATOM   113 C  CD2 . LEU A 1 23 ? 4.023   0.187   -11.528 1.00 32.25 ? 325  LEU A CD2 1 
ATOM   114 N  N   . CYS A 1 24 ? 6.357   -2.096  -8.092  1.00 29.99 ? 326  CYS A N   1 
ATOM   115 C  CA  . CYS A 1 24 ? 6.747   -3.059  -7.064  1.00 29.04 ? 326  CYS A CA  1 
ATOM   116 C  C   . CYS A 1 24 ? 5.598   -3.373  -6.126  1.00 27.22 ? 326  CYS A C   1 
ATOM   117 O  O   . CYS A 1 24 ? 5.100   -2.498  -5.427  1.00 27.27 ? 326  CYS A O   1 
ATOM   118 C  CB  . CYS A 1 24 ? 7.976   -2.584  -6.284  1.00 30.29 ? 326  CYS A CB  1 
ATOM   119 S  SG  . CYS A 1 24 ? 8.536   -3.847  -5.067  1.00 30.90 ? 326  CYS A SG  1 
ATOM   120 N  N   . ARG A 1 25 ? 5.165   -4.630  -6.135  1.00 26.91 ? 327  ARG A N   1 
ATOM   121 C  CA  . ARG A 1 25 ? 4.052   -5.045  -5.291  1.00 28.47 ? 327  ARG A CA  1 
ATOM   122 C  C   . ARG A 1 25 ? 4.514   -5.330  -3.849  1.00 30.16 ? 327  ARG A C   1 
ATOM   123 O  O   . ARG A 1 25 ? 3.699   -5.584  -2.965  1.00 28.42 ? 327  ARG A O   1 
ATOM   124 C  CB  . ARG A 1 25 ? 3.292   -6.224  -5.950  1.00 27.18 ? 327  ARG A CB  1 
ATOM   125 C  CG  . ARG A 1 25 ? 2.580   -5.758  -7.256  1.00 31.54 ? 327  ARG A CG  1 
ATOM   126 C  CD  . ARG A 1 25 ? 2.210   -6.894  -8.196  1.00 31.17 ? 327  ARG A CD  1 
ATOM   127 N  NE  . ARG A 1 25 ? 1.278   -7.839  -7.594  1.00 32.43 ? 327  ARG A NE  1 
ATOM   128 C  CZ  . ARG A 1 25 ? 0.910   -8.970  -8.201  1.00 35.13 ? 327  ARG A CZ  1 
ATOM   129 N  NH1 . ARG A 1 25 ? 1.405   -9.246  -9.397  1.00 35.90 ? 327  ARG A NH1 1 
ATOM   130 N  NH2 . ARG A 1 25 ? 0.067   -9.817  -7.624  1.00 33.74 ? 327  ARG A NH2 1 
ATOM   131 N  N   . VAL A 1 26 ? 5.816   -5.226  -3.591  1.00 30.11 ? 328  VAL A N   1 
ATOM   132 C  CA  . VAL A 1 26 ? 6.314   -5.472  -2.225  1.00 28.87 ? 328  VAL A CA  1 
ATOM   133 C  C   . VAL A 1 26 ? 6.344   -4.196  -1.408  1.00 32.00 ? 328  VAL A C   1 
ATOM   134 O  O   . VAL A 1 26 ? 5.913   -4.186  -0.258  1.00 31.54 ? 328  VAL A O   1 
ATOM   135 C  CB  . VAL A 1 26 ? 7.687   -6.146  -2.206  1.00 32.11 ? 328  VAL A CB  1 
ATOM   136 C  CG1 . VAL A 1 26 ? 8.215   -6.245  -0.770  1.00 33.80 ? 328  VAL A CG1 1 
ATOM   137 C  CG2 . VAL A 1 26 ? 7.590   -7.520  -2.840  1.00 31.41 ? 328  VAL A CG2 1 
ATOM   138 N  N   . CYS A 1 27 ? 6.824   -3.104  -2.003  1.00 29.28 ? 329  CYS A N   1 
ATOM   139 C  CA  . CYS A 1 27 ? 6.857   -1.845  -1.260  1.00 32.84 ? 329  CYS A CA  1 
ATOM   140 C  C   . CYS A 1 27 ? 5.851   -0.796  -1.744  1.00 31.42 ? 329  CYS A C   1 
ATOM   141 O  O   . CYS A 1 27 ? 5.663   0.226   -1.081  1.00 35.75 ? 329  CYS A O   1 
ATOM   142 C  CB  . CYS A 1 27 ? 8.268   -1.260  -1.227  1.00 34.69 ? 329  CYS A CB  1 
ATOM   143 S  SG  . CYS A 1 27 ? 8.862   -0.699  -2.858  1.00 36.66 ? 329  CYS A SG  1 
ATOM   144 N  N   . ALA A 1 28 ? 5.207   -1.029  -2.884  1.00 26.00 ? 330  ALA A N   1 
ATOM   145 C  CA  . ALA A 1 28 ? 4.162   -0.120  -3.345  1.00 28.95 ? 330  ALA A CA  1 
ATOM   146 C  C   . ALA A 1 28 ? 2.832   -0.856  -3.407  1.00 28.27 ? 330  ALA A C   1 
ATOM   147 O  O   . ALA A 1 28 ? 2.656   -1.843  -2.679  1.00 28.56 ? 330  ALA A O   1 
ATOM   148 C  CB  . ALA A 1 28 ? 4.549   0.516   -4.701  1.00 30.10 ? 330  ALA A CB  1 
ATOM   149 N  N   . CYS A 1 29 ? 1.870   -0.415  -4.221  1.00 26.95 ? 331  CYS A N   1 
ATOM   150 C  CA  . CYS A 1 29 ? 0.574   -1.098  -4.197  1.00 25.63 ? 331  CYS A CA  1 
ATOM   151 C  C   . CYS A 1 29 ? 0.723   -2.598  -4.444  1.00 27.09 ? 331  CYS A C   1 
ATOM   152 O  O   . CYS A 1 29 ? 1.292   -3.030  -5.439  1.00 27.31 ? 331  CYS A O   1 
ATOM   153 C  CB  . CYS A 1 29 ? -0.465  -0.505  -5.180  1.00 27.08 ? 331  CYS A CB  1 
ATOM   154 S  SG  . CYS A 1 29 ? -2.059  -1.406  -5.144  1.00 28.14 ? 331  CYS A SG  1 
ATOM   155 N  N   . HIS A 1 30 ? 0.211   -3.394  -3.512  1.00 28.06 ? 332  HIS A N   1 
ATOM   156 C  CA  . HIS A 1 30 ? 0.473   -4.833  -3.538  1.00 27.60 ? 332  HIS A CA  1 
ATOM   157 C  C   . HIS A 1 30 ? -0.328  -5.491  -4.652  1.00 29.46 ? 332  HIS A C   1 
ATOM   158 O  O   . HIS A 1 30 ? -0.081  -6.653  -5.044  1.00 29.68 ? 332  HIS A O   1 
ATOM   159 C  CB  . HIS A 1 30 ? 0.100   -5.440  -2.172  1.00 27.96 ? 332  HIS A CB  1 
ATOM   160 C  CG  . HIS A 1 30 ? 0.443   -6.894  -2.044  1.00 29.41 ? 332  HIS A CG  1 
ATOM   161 N  ND1 . HIS A 1 30 ? 1.730   -7.362  -2.188  1.00 27.98 ? 332  HIS A ND1 1 
ATOM   162 C  CD2 . HIS A 1 30 ? -0.325  -7.979  -1.768  1.00 31.64 ? 332  HIS A CD2 1 
ATOM   163 C  CE1 . HIS A 1 30 ? 1.742   -8.674  -2.020  1.00 29.26 ? 332  HIS A CE1 1 
ATOM   164 N  NE2 . HIS A 1 30 ? 0.510   -9.075  -1.780  1.00 30.30 ? 332  HIS A NE2 1 
ATOM   165 N  N   . LEU A 1 31 ? -1.311  -4.746  -5.158  1.00 29.48 ? 333  LEU A N   1 
ATOM   166 C  CA  . LEU A 1 31 ? -2.153  -5.214  -6.246  1.00 30.60 ? 333  LEU A CA  1 
ATOM   167 C  C   . LEU A 1 31 ? -1.598  -4.800  -7.613  1.00 29.91 ? 333  LEU A C   1 
ATOM   168 O  O   . LEU A 1 31 ? -1.367  -5.645  -8.474  1.00 32.85 ? 333  LEU A O   1 
ATOM   169 C  CB  . LEU A 1 31 ? -3.600  -4.734  -6.046  1.00 31.82 ? 333  LEU A CB  1 
ATOM   170 C  CG  . LEU A 1 31 ? -4.243  -5.223  -4.729  1.00 31.36 ? 333  LEU A CG  1 
ATOM   171 C  CD1 . LEU A 1 31 ? -5.683  -4.744  -4.570  1.00 32.88 ? 333  LEU A CD1 1 
ATOM   172 C  CD2 . LEU A 1 31 ? -4.203  -6.758  -4.608  1.00 35.65 ? 333  LEU A CD2 1 
ATOM   173 N  N   . CYS A 1 32 ? -1.313  -3.517  -7.806  1.00 29.38 ? 334  CYS A N   1 
ATOM   174 C  CA  . CYS A 1 32 ? -0.887  -3.046  -9.121  1.00 30.01 ? 334  CYS A CA  1 
ATOM   175 C  C   . CYS A 1 32 ? 0.607   -2.725  -9.223  1.00 29.63 ? 334  CYS A C   1 
ATOM   176 O  O   . CYS A 1 32 ? 1.148   -2.620  -10.319 1.00 31.83 ? 334  CYS A O   1 
ATOM   177 C  CB  . CYS A 1 32 ? -1.755  -1.851  -9.574  1.00 29.21 ? 334  CYS A CB  1 
ATOM   178 S  SG  . CYS A 1 32 ? -1.313  -0.297  -8.775  1.00 29.57 ? 334  CYS A SG  1 
ATOM   179 N  N   . GLY A 1 33 ? 1.282   -2.606  -8.083  1.00 26.14 ? 335  GLY A N   1 
ATOM   180 C  CA  . GLY A 1 33 ? 2.684   -2.273  -8.064  1.00 25.94 ? 335  GLY A CA  1 
ATOM   181 C  C   . GLY A 1 33 ? 2.928   -0.774  -8.235  1.00 28.30 ? 335  GLY A C   1 
ATOM   182 O  O   . GLY A 1 33 ? 4.070   -0.312  -8.173  1.00 27.30 ? 335  GLY A O   1 
ATOM   183 N  N   . GLY A 1 34 ? 1.849   -0.017  -8.434  1.00 26.69 ? 336  GLY A N   1 
ATOM   184 C  CA  . GLY A 1 34 ? 1.947   1.430   -8.646  1.00 30.33 ? 336  GLY A CA  1 
ATOM   185 C  C   . GLY A 1 34 ? 2.319   2.225   -7.400  1.00 30.07 ? 336  GLY A C   1 
ATOM   186 O  O   . GLY A 1 34 ? 1.876   1.897   -6.305  1.00 28.08 ? 336  GLY A O   1 
ATOM   187 N  N   . ARG A 1 35 ? 3.134   3.268   -7.574  1.00 28.07 ? 337  ARG A N   1 
ATOM   188 C  CA  . ARG A 1 35 ? 3.592   4.109   -6.468  1.00 28.38 ? 337  ARG A CA  1 
ATOM   189 C  C   . ARG A 1 35 ? 2.795   5.414   -6.351  1.00 31.88 ? 337  ARG A C   1 
ATOM   190 O  O   . ARG A 1 35 ? 3.011   6.177   -5.421  1.00 30.19 ? 337  ARG A O   1 
ATOM   191 C  CB  . ARG A 1 35 ? 5.071   4.476   -6.639  1.00 29.25 ? 337  ARG A CB  1 
ATOM   192 C  CG  . ARG A 1 35 ? 5.985   3.277   -6.747  1.00 32.27 ? 337  ARG A CG  1 
ATOM   193 C  CD  . ARG A 1 35 ? 7.409   3.681   -7.004  1.00 32.61 ? 337  ARG A CD  1 
ATOM   194 N  NE  . ARG A 1 35 ? 8.224   2.499   -7.295  1.00 28.85 ? 337  ARG A NE  1 
ATOM   195 C  CZ  . ARG A 1 35 ? 8.745   1.725   -6.355  1.00 33.55 ? 337  ARG A CZ  1 
ATOM   196 N  NH1 . ARG A 1 35 ? 8.540   2.020   -5.073  1.00 35.34 ? 337  ARG A NH1 1 
ATOM   197 N  NH2 . ARG A 1 35 ? 9.455   0.648   -6.682  1.00 32.72 ? 337  ARG A NH2 1 
ATOM   198 N  N   . GLN A 1 36 ? 1.899   5.679   -7.292  1.00 31.04 ? 338  GLN A N   1 
ATOM   199 C  CA  . GLN A 1 36 ? 1.174   6.956   -7.269  1.00 30.65 ? 338  GLN A CA  1 
ATOM   200 C  C   . GLN A 1 36 ? 0.194   7.040   -6.091  1.00 33.54 ? 338  GLN A C   1 
ATOM   201 O  O   . GLN A 1 36 ? -0.151  6.020   -5.485  1.00 30.17 ? 338  GLN A O   1 
ATOM   202 C  CB  . GLN A 1 36 ? 0.462   7.196   -8.598  1.00 29.73 ? 338  GLN A CB  1 
ATOM   203 C  CG  . GLN A 1 36 ? -0.853  6.434   -8.789  1.00 31.46 ? 338  GLN A CG  1 
ATOM   204 C  CD  . GLN A 1 36 ? -0.677  4.991   -9.238  1.00 31.67 ? 338  GLN A CD  1 
ATOM   205 O  OE1 . GLN A 1 36 ? 0.439   4.533   -9.480  1.00 33.14 ? 338  GLN A OE1 1 
ATOM   206 N  NE2 . GLN A 1 36 ? -1.788  4.272   -9.359  1.00 29.63 ? 338  GLN A NE2 1 
ATOM   207 N  N   . ASP A 1 37 ? -0.256  8.247   -5.757  1.00 30.70 ? 339  ASP A N   1 
ATOM   208 C  CA  . ASP A 1 37 ? -1.302  8.393   -4.736  1.00 32.35 ? 339  ASP A CA  1 
ATOM   209 C  C   . ASP A 1 37 ? -0.984  7.688   -3.380  1.00 31.99 ? 339  ASP A C   1 
ATOM   210 O  O   . ASP A 1 37 ? -1.786  6.886   -2.905  1.00 32.12 ? 339  ASP A O   1 
ATOM   211 C  CB  . ASP A 1 37 ? -2.660  7.896   -5.292  1.00 31.61 ? 339  ASP A CB  1 
ATOM   212 C  CG  . ASP A 1 37 ? -3.122  8.694   -6.527  1.00 34.26 ? 339  ASP A CG  1 
ATOM   213 O  OD1 . ASP A 1 37 ? -2.807  9.903   -6.580  1.00 34.30 ? 339  ASP A OD1 1 
ATOM   214 O  OD2 . ASP A 1 37 ? -3.803  8.141   -7.425  1.00 32.65 ? 339  ASP A OD2 1 
ATOM   215 N  N   . PRO A 1 38 ? 0.170   7.989   -2.760  1.00 31.85 ? 340  PRO A N   1 
ATOM   216 C  CA  . PRO A 1 38 ? 0.516   7.361   -1.470  1.00 32.28 ? 340  PRO A CA  1 
ATOM   217 C  C   . PRO A 1 38 ? -0.540  7.651   -0.390  1.00 34.89 ? 340  PRO A C   1 
ATOM   218 O  O   . PRO A 1 38 ? -0.799  6.840   0.497   1.00 32.97 ? 340  PRO A O   1 
ATOM   219 C  CB  . PRO A 1 38 ? 1.839   8.019   -1.083  1.00 34.21 ? 340  PRO A CB  1 
ATOM   220 C  CG  . PRO A 1 38 ? 2.129   9.070   -2.098  1.00 37.06 ? 340  PRO A CG  1 
ATOM   221 C  CD  . PRO A 1 38 ? 1.103   9.064   -3.154  1.00 35.74 ? 340  PRO A CD  1 
ATOM   222 N  N   . ASP A 1 39 ? -1.173  8.814   -0.485  1.00 35.47 ? 341  ASP A N   1 
ATOM   223 C  CA  . ASP A 1 39 ? -2.236  9.191   0.436   1.00 35.67 ? 341  ASP A CA  1 
ATOM   224 C  C   . ASP A 1 39 ? -3.501  8.331   0.278   1.00 35.70 ? 341  ASP A C   1 
ATOM   225 O  O   . ASP A 1 39 ? -4.404  8.393   1.110   1.00 33.80 ? 341  ASP A O   1 
ATOM   226 C  CB  . ASP A 1 39 ? -2.580  10.658  0.205   1.00 35.43 ? 341  ASP A CB  1 
ATOM   227 C  CG  . ASP A 1 39 ? -2.983  10.931  -1.249  1.00 39.54 ? 341  ASP A CG  1 
ATOM   228 O  OD1 . ASP A 1 39 ? -2.187  10.637  -2.170  1.00 41.19 ? 341  ASP A OD1 1 
ATOM   229 O  OD2 . ASP A 1 39 ? -4.094  11.445  -1.481  1.00 45.37 ? 341  ASP A OD2 1 
ATOM   230 N  N   . LYS A 1 40 ? -3.578  7.552   -0.800  1.00 32.09 ? 342  LYS A N   1 
ATOM   231 C  CA  . LYS A 1 40 ? -4.687  6.634   -1.005  1.00 31.77 ? 342  LYS A CA  1 
ATOM   232 C  C   . LYS A 1 40 ? -4.239  5.155   -0.920  1.00 29.36 ? 342  LYS A C   1 
ATOM   233 O  O   . LYS A 1 40 ? -5.010  4.242   -1.253  1.00 30.93 ? 342  LYS A O   1 
ATOM   234 C  CB  . LYS A 1 40 ? -5.309  6.843   -2.377  1.00 31.04 ? 342  LYS A CB  1 
ATOM   235 C  CG  . LYS A 1 40 ? -6.131  8.160   -2.583  1.00 35.56 ? 342  LYS A CG  1 
ATOM   236 C  CD  . LYS A 1 40 ? -6.764  8.048   -3.982  1.00 38.48 ? 342  LYS A CD  1 
ATOM   237 C  CE  . LYS A 1 40 ? -7.800  9.112   -4.313  1.00 42.14 ? 342  LYS A CE  1 
ATOM   238 N  NZ  . LYS A 1 40 ? -8.213  8.978   -5.758  1.00 40.55 ? 342  LYS A NZ  1 
ATOM   239 N  N   . GLN A 1 41 ? -2.997  4.924   -0.520  1.00 30.88 ? 343  GLN A N   1 
ATOM   240 C  CA  . GLN A 1 41 ? -2.505  3.552   -0.340  1.00 30.14 ? 343  GLN A CA  1 
ATOM   241 C  C   . GLN A 1 41 ? -2.614  3.167   1.125   1.00 30.72 ? 343  GLN A C   1 
ATOM   242 O  O   . GLN A 1 41 ? -1.794  3.614   1.940   1.00 31.92 ? 343  GLN A O   1 
ATOM   243 C  CB  . GLN A 1 41 ? -1.050  3.451   -0.757  1.00 31.53 ? 343  GLN A CB  1 
ATOM   244 C  CG  . GLN A 1 41 ? -0.770  3.630   -2.230  1.00 30.08 ? 343  GLN A CG  1 
ATOM   245 C  CD  . GLN A 1 41 ? 0.722   3.553   -2.521  1.00 34.45 ? 343  GLN A CD  1 
ATOM   246 O  OE1 . GLN A 1 41 ? 1.425   2.719   -1.957  1.00 36.55 ? 343  GLN A OE1 1 
ATOM   247 N  NE2 . GLN A 1 41 ? 1.214   4.435   -3.385  1.00 33.29 ? 343  GLN A NE2 1 
ATOM   248 N  N   . LEU A 1 42 ? -3.614  2.354   1.456   1.00 30.33 ? 344  LEU A N   1 
ATOM   249 C  CA  . LEU A 1 42 ? -3.850  1.913   2.845   1.00 29.43 ? 344  LEU A CA  1 
ATOM   250 C  C   . LEU A 1 42 ? -2.806  0.905   3.233   1.00 31.97 ? 344  LEU A C   1 
ATOM   251 O  O   . LEU A 1 42 ? -2.492  0.043   2.435   1.00 30.22 ? 344  LEU A O   1 
ATOM   252 C  CB  . LEU A 1 42 ? -5.195  1.215   2.972   1.00 32.70 ? 344  LEU A CB  1 
ATOM   253 C  CG  . LEU A 1 42 ? -6.417  1.950   2.462   1.00 32.84 ? 344  LEU A CG  1 
ATOM   254 C  CD1 . LEU A 1 42 ? -7.679  1.134   2.768   1.00 29.75 ? 344  LEU A CD1 1 
ATOM   255 C  CD2 . LEU A 1 42 ? -6.443  3.348   3.105   1.00 36.58 ? 344  LEU A CD2 1 
ATOM   256 N  N   . MET A 1 43 ? -2.293  0.989   4.458   1.00 30.41 ? 345  MET A N   1 
ATOM   257 C  CA  . MET A 1 43 ? -1.307  0.014   4.923   1.00 32.43 ? 345  MET A CA  1 
ATOM   258 C  C   . MET A 1 43 ? -1.981  -0.984  5.852   1.00 32.13 ? 345  MET A C   1 
ATOM   259 O  O   . MET A 1 43 ? -2.614  -0.590  6.817   1.00 31.85 ? 345  MET A O   1 
ATOM   260 C  CB  . MET A 1 43 ? -0.173  0.668   5.699   1.00 33.85 ? 345  MET A CB  1 
ATOM   261 C  CG  . MET A 1 43 ? 0.463   1.881   5.059   1.00 39.29 ? 345  MET A CG  1 
ATOM   262 S  SD  . MET A 1 43 ? 1.355   1.332   3.636   1.00 41.82 ? 345  MET A SD  1 
ATOM   263 C  CE  . MET A 1 43 ? 2.566   0.224   4.342   1.00 40.21 ? 345  MET A CE  1 
ATOM   264 N  N   . CYS A 1 44 ? -1.837  -2.268  5.554   1.00 28.75 ? 346  CYS A N   1 
ATOM   265 C  CA  . CYS A 1 44 ? -2.415  -3.324  6.366   1.00 30.59 ? 346  CYS A CA  1 
ATOM   266 C  C   . CYS A 1 44 ? -1.724  -3.408  7.729   1.00 33.23 ? 346  CYS A C   1 
ATOM   267 O  O   . CYS A 1 44 ? -0.487  -3.452  7.820   1.00 32.86 ? 346  CYS A O   1 
ATOM   268 C  CB  . CYS A 1 44 ? -2.293  -4.673  5.659   1.00 30.71 ? 346  CYS A CB  1 
ATOM   269 S  SG  . CYS A 1 44 ? -3.008  -6.050  6.618   1.00 31.68 ? 346  CYS A SG  1 
ATOM   270 N  N   . ASP A 1 45 ? -2.530  -3.452  8.778   1.00 32.13 ? 347  ASP A N   1 
ATOM   271 C  CA  . ASP A 1 45 ? -1.998  -3.476  10.137  1.00 36.75 ? 347  ASP A CA  1 
ATOM   272 C  C   . ASP A 1 45 ? -1.489  -4.835  10.575  1.00 37.43 ? 347  ASP A C   1 
ATOM   273 O  O   . ASP A 1 45 ? -0.911  -4.964  11.649  1.00 40.76 ? 347  ASP A O   1 
ATOM   274 C  CB  . ASP A 1 45 ? -3.016  -2.887  11.105  1.00 36.71 ? 347  ASP A CB  1 
ATOM   275 C  CG  . ASP A 1 45 ? -3.070  -1.384  10.981  1.00 36.62 ? 347  ASP A CG  1 
ATOM   276 O  OD1 . ASP A 1 45 ? -2.004  -0.760  11.135  1.00 38.68 ? 347  ASP A OD1 1 
ATOM   277 O  OD2 . ASP A 1 45 ? -4.148  -0.817  10.689  1.00 38.27 ? 347  ASP A OD2 1 
ATOM   278 N  N   . GLU A 1 46 ? -1.690  -5.839  9.730   1.00 32.76 ? 348  GLU A N   1 
ATOM   279 C  CA  . GLU A 1 46 ? -1.093  -7.153  9.961   1.00 35.31 ? 348  GLU A CA  1 
ATOM   280 C  C   . GLU A 1 46 ? 0.159   -7.354  9.092   1.00 37.62 ? 348  GLU A C   1 
ATOM   281 O  O   . GLU A 1 46 ? 1.250   -7.530  9.631   1.00 40.32 ? 348  GLU A O   1 
ATOM   282 C  CB  . GLU A 1 46 ? -2.118  -8.272  9.744   1.00 35.00 ? 348  GLU A CB  1 
ATOM   283 C  CG  . GLU A 1 46 ? -1.563  -9.735  9.774   1.00 38.16 ? 348  GLU A CG  1 
ATOM   284 C  CD  . GLU A 1 46 ? -0.940  -10.161 11.112  1.00 48.33 ? 348  GLU A CD  1 
ATOM   285 O  OE1 . GLU A 1 46 ? -0.139  -11.136 11.110  1.00 48.55 ? 348  GLU A OE1 1 
ATOM   286 O  OE2 . GLU A 1 46 ? -1.236  -9.547  12.163  1.00 46.32 ? 348  GLU A OE2 1 
ATOM   287 N  N   . CYS A 1 47 ? 0.022   -7.312  7.766   1.00 31.95 ? 349  CYS A N   1 
ATOM   288 C  CA  . CYS A 1 47 ? 1.141   -7.678  6.886   1.00 33.88 ? 349  CYS A CA  1 
ATOM   289 C  C   . CYS A 1 47 ? 1.947   -6.473  6.370   1.00 31.61 ? 349  CYS A C   1 
ATOM   290 O  O   . CYS A 1 47 ? 2.996   -6.644  5.746   1.00 30.41 ? 349  CYS A O   1 
ATOM   291 C  CB  . CYS A 1 47 ? 0.643   -8.512  5.703   1.00 31.56 ? 349  CYS A CB  1 
ATOM   292 S  SG  . CYS A 1 47 ? -0.289  -7.550  4.474   1.00 31.43 ? 349  CYS A SG  1 
ATOM   293 N  N   . ASP A 1 48 ? 1.439   -5.273  6.637   1.00 27.42 ? 350  ASP A N   1 
ATOM   294 C  CA  . ASP A 1 48 ? 2.086   -4.027  6.244   1.00 33.99 ? 350  ASP A CA  1 
ATOM   295 C  C   . ASP A 1 48 ? 2.264   -3.831  4.729   1.00 30.64 ? 350  ASP A C   1 
ATOM   296 O  O   . ASP A 1 48 ? 3.052   -2.976  4.299   1.00 30.71 ? 350  ASP A O   1 
ATOM   297 C  CB  . ASP A 1 48 ? 3.418   -3.839  6.973   1.00 38.08 ? 350  ASP A CB  1 
ATOM   298 C  CG  . ASP A 1 48 ? 3.665   -2.394  7.363   1.00 46.21 ? 350  ASP A CG  1 
ATOM   299 O  OD1 . ASP A 1 48 ? 2.684   -1.619  7.436   1.00 44.40 ? 350  ASP A OD1 1 
ATOM   300 O  OD2 . ASP A 1 48 ? 4.841   -2.018  7.599   1.00 53.82 ? 350  ASP A OD2 1 
ATOM   301 N  N   . MET A 1 49 ? 1.520   -4.593  3.935   1.00 29.83 ? 351  MET A N   1 
ATOM   302 C  CA  . MET A 1 49 ? 1.417   -4.307  2.498   1.00 30.77 ? 351  MET A CA  1 
ATOM   303 C  C   . MET A 1 49 ? 0.491   -3.108  2.286   1.00 30.51 ? 351  MET A C   1 
ATOM   304 O  O   . MET A 1 49 ? -0.373  -2.848  3.120   1.00 29.45 ? 351  MET A O   1 
ATOM   305 C  CB  . MET A 1 49 ? 0.924   -5.536  1.725   1.00 28.07 ? 351  MET A CB  1 
ATOM   306 C  CG  . MET A 1 49 ? 1.960   -6.695  1.683   1.00 31.12 ? 351  MET A CG  1 
ATOM   307 S  SD  . MET A 1 49 ? 3.542   -6.269  0.856   1.00 32.29 ? 351  MET A SD  1 
ATOM   308 C  CE  . MET A 1 49 ? 4.539   -5.761  2.250   1.00 32.59 ? 351  MET A CE  1 
ATOM   309 N  N   . ALA A 1 50 ? 0.675   -2.405  1.163   1.00 30.41 ? 352  ALA A N   1 
ATOM   310 C  CA  . ALA A 1 50 ? -0.054  -1.193  0.820   1.00 28.78 ? 352  ALA A CA  1 
ATOM   311 C  C   . ALA A 1 50 ? -1.025  -1.536  -0.281  1.00 27.90 ? 352  ALA A C   1 
ATOM   312 O  O   . ALA A 1 50 ? -0.739  -2.384  -1.106  1.00 28.22 ? 352  ALA A O   1 
ATOM   313 C  CB  . ALA A 1 50 ? 0.914   -0.114  0.319   1.00 27.93 ? 352  ALA A CB  1 
ATOM   314 N  N   . PHE A 1 51 ? -2.178  -0.869  -0.302  1.00 27.72 ? 353  PHE A N   1 
ATOM   315 C  CA  . PHE A 1 51 ? -3.229  -1.149  -1.276  1.00 28.43 ? 353  PHE A CA  1 
ATOM   316 C  C   . PHE A 1 51 ? -3.873  0.173   -1.664  1.00 27.91 ? 353  PHE A C   1 
ATOM   317 O  O   . PHE A 1 51 ? -4.385  0.852   -0.793  1.00 27.34 ? 353  PHE A O   1 
ATOM   318 C  CB  . PHE A 1 51 ? -4.306  -2.045  -0.633  1.00 27.58 ? 353  PHE A CB  1 
ATOM   319 C  CG  . PHE A 1 51 ? -3.802  -3.412  -0.258  1.00 29.09 ? 353  PHE A CG  1 
ATOM   320 C  CD1 . PHE A 1 51 ? -4.026  -4.500  -1.085  1.00 32.82 ? 353  PHE A CD1 1 
ATOM   321 C  CD2 . PHE A 1 51 ? -3.070  -3.591  0.908   1.00 27.09 ? 353  PHE A CD2 1 
ATOM   322 C  CE1 . PHE A 1 51 ? -3.527  -5.769  -0.740  1.00 30.48 ? 353  PHE A CE1 1 
ATOM   323 C  CE2 . PHE A 1 51 ? -2.581  -4.840  1.256   1.00 29.55 ? 353  PHE A CE2 1 
ATOM   324 C  CZ  . PHE A 1 51 ? -2.811  -5.926  0.419   1.00 31.22 ? 353  PHE A CZ  1 
ATOM   325 N  N   . HIS A 1 52 ? -3.865  0.547   -2.943  1.00 27.78 ? 354  HIS A N   1 
ATOM   326 C  CA  . HIS A 1 52 ? -4.683  1.718   -3.347  1.00 25.89 ? 354  HIS A CA  1 
ATOM   327 C  C   . HIS A 1 52 ? -6.137  1.435   -3.024  1.00 25.47 ? 354  HIS A C   1 
ATOM   328 O  O   . HIS A 1 52 ? -6.633  0.367   -3.308  1.00 27.18 ? 354  HIS A O   1 
ATOM   329 C  CB  . HIS A 1 52 ? -4.623  1.987   -4.842  1.00 27.95 ? 354  HIS A CB  1 
ATOM   330 C  CG  . HIS A 1 52 ? -3.321  2.528   -5.321  1.00 29.38 ? 354  HIS A CG  1 
ATOM   331 N  ND1 . HIS A 1 52 ? -2.534  1.850   -6.219  1.00 26.96 ? 354  HIS A ND1 1 
ATOM   332 C  CD2 . HIS A 1 52 ? -2.693  3.707   -5.078  1.00 28.64 ? 354  HIS A CD2 1 
ATOM   333 C  CE1 . HIS A 1 52 ? -1.459  2.572   -6.492  1.00 28.99 ? 354  HIS A CE1 1 
ATOM   334 N  NE2 . HIS A 1 52 ? -1.526  3.694   -5.801  1.00 29.27 ? 354  HIS A NE2 1 
ATOM   335 N  N   . ILE A 1 53 ? -6.854  2.406   -2.471  1.00 28.16 ? 355  ILE A N   1 
ATOM   336 C  CA  . ILE A 1 53 ? -8.263  2.165   -2.193  1.00 30.02 ? 355  ILE A CA  1 
ATOM   337 C  C   . ILE A 1 53 ? -8.990  1.759   -3.470  1.00 30.43 ? 355  ILE A C   1 
ATOM   338 O  O   . ILE A 1 53 ? -9.944  0.979   -3.444  1.00 30.88 ? 355  ILE A O   1 
ATOM   339 C  CB  . ILE A 1 53 ? -8.950  3.388   -1.563  1.00 28.13 ? 355  ILE A CB  1 
ATOM   340 C  CG1 . ILE A 1 53 ? -8.806  4.612   -2.451  1.00 29.14 ? 355  ILE A CG1 1 
ATOM   341 C  CG2 . ILE A 1 53 ? -8.344  3.674   -0.218  1.00 30.01 ? 355  ILE A CG2 1 
ATOM   342 C  CD1 . ILE A 1 53 ? -9.537  5.799   -1.886  1.00 31.72 ? 355  ILE A CD1 1 
ATOM   343 N  N   . TYR A 1 54 ? -8.513  2.264   -4.605  1.00 29.55 ? 356  TYR A N   1 
ATOM   344 C  CA  . TYR A 1 54 ? -9.186  1.971   -5.866  1.00 28.66 ? 356  TYR A CA  1 
ATOM   345 C  C   . TYR A 1 54 ? -8.767  0.660   -6.530  1.00 32.02 ? 356  TYR A C   1 
ATOM   346 O  O   . TYR A 1 54 ? -9.333  0.278   -7.540  1.00 32.55 ? 356  TYR A O   1 
ATOM   347 C  CB  . TYR A 1 54 ? -9.022  3.129   -6.843  1.00 29.99 ? 356  TYR A CB  1 
ATOM   348 C  CG  . TYR A 1 54 ? -7.638  3.716   -7.013  1.00 29.91 ? 356  TYR A CG  1 
ATOM   349 C  CD1 . TYR A 1 54 ? -6.693  3.101   -7.821  1.00 31.91 ? 356  TYR A CD1 1 
ATOM   350 C  CD2 . TYR A 1 54 ? -7.300  4.934   -6.432  1.00 28.53 ? 356  TYR A CD2 1 
ATOM   351 C  CE1 . TYR A 1 54 ? -5.429  3.666   -8.012  1.00 31.57 ? 356  TYR A CE1 1 
ATOM   352 C  CE2 . TYR A 1 54 ? -6.051  5.506   -6.621  1.00 31.40 ? 356  TYR A CE2 1 
ATOM   353 C  CZ  . TYR A 1 54 ? -5.116  4.870   -7.427  1.00 30.61 ? 356  TYR A CZ  1 
ATOM   354 O  OH  . TYR A 1 54 ? -3.874  5.446   -7.639  1.00 30.93 ? 356  TYR A OH  1 
ATOM   355 N  N   . CYS A 1 55 ? -7.773  -0.027  -5.975  1.00 30.04 ? 357  CYS A N   1 
ATOM   356 C  CA  . CYS A 1 55 ? -7.366  -1.326  -6.510  1.00 31.98 ? 357  CYS A CA  1 
ATOM   357 C  C   . CYS A 1 55 ? -8.060  -2.468  -5.789  1.00 32.92 ? 357  CYS A C   1 
ATOM   358 O  O   . CYS A 1 55 ? -8.141  -3.587  -6.300  1.00 33.56 ? 357  CYS A O   1 
ATOM   359 C  CB  . CYS A 1 55 ? -5.837  -1.501  -6.435  1.00 29.43 ? 357  CYS A CB  1 
ATOM   360 S  SG  . CYS A 1 55 ? -4.961  -0.567  -7.740  1.00 31.76 ? 357  CYS A SG  1 
ATOM   361 N  N   . LEU A 1 56 ? -8.573  -2.176  -4.599  1.00 32.18 ? 358  LEU A N   1 
ATOM   362 C  CA  . LEU A 1 56 ? -9.259  -3.177  -3.807  1.00 35.02 ? 358  LEU A CA  1 
ATOM   363 C  C   . LEU A 1 56 ? -10.510 -3.621  -4.561  1.00 40.19 ? 358  LEU A C   1 
ATOM   364 O  O   . LEU A 1 56 ? -11.080 -2.851  -5.334  1.00 35.57 ? 358  LEU A O   1 
ATOM   365 C  CB  . LEU A 1 56 ? -9.646  -2.585  -2.450  1.00 31.48 ? 358  LEU A CB  1 
ATOM   366 C  CG  . LEU A 1 56 ? -8.474  -2.316  -1.504  1.00 31.09 ? 358  LEU A CG  1 
ATOM   367 C  CD1 . LEU A 1 56 ? -8.954  -1.544  -0.300  1.00 30.29 ? 358  LEU A CD1 1 
ATOM   368 C  CD2 . LEU A 1 56 ? -7.788  -3.637  -1.061  1.00 34.10 ? 358  LEU A CD2 1 
ATOM   369 N  N   . ASP A 1 57 ? -10.919 -4.872  -4.363  1.00 38.20 ? 359  ASP A N   1 
ATOM   370 C  CA  . ASP A 1 57 ? -12.174 -5.334  -4.943  1.00 40.90 ? 359  ASP A CA  1 
ATOM   371 C  C   . ASP A 1 57 ? -13.095 -5.781  -3.828  1.00 41.95 ? 359  ASP A C   1 
ATOM   372 O  O   . ASP A 1 57 ? -12.821 -6.782  -3.163  1.00 46.13 ? 359  ASP A O   1 
ATOM   373 C  CB  . ASP A 1 57 ? -11.938 -6.480  -5.925  1.00 45.09 ? 359  ASP A CB  1 
ATOM   374 C  CG  . ASP A 1 57 ? -13.215 -6.904  -6.660  1.00 47.57 ? 359  ASP A CG  1 
ATOM   375 O  OD1 . ASP A 1 57 ? -14.195 -6.118  -6.707  1.00 46.45 ? 359  ASP A OD1 1 
ATOM   376 O  OD2 . ASP A 1 57 ? -13.221 -8.030  -7.194  1.00 49.13 ? 359  ASP A OD2 1 
ATOM   377 N  N   . PRO A 1 58 ? -14.176 -5.025  -3.593  1.00 42.91 ? 360  PRO A N   1 
ATOM   378 C  CA  . PRO A 1 58 ? -14.583 -3.809  -4.314  1.00 42.83 ? 360  PRO A CA  1 
ATOM   379 C  C   . PRO A 1 58 ? -13.736 -2.617  -3.912  1.00 40.83 ? 360  PRO A C   1 
ATOM   380 O  O   . PRO A 1 58 ? -13.151 -2.647  -2.835  1.00 42.36 ? 360  PRO A O   1 
ATOM   381 C  CB  . PRO A 1 58 ? -16.016 -3.565  -3.830  1.00 42.25 ? 360  PRO A CB  1 
ATOM   382 C  CG  . PRO A 1 58 ? -16.318 -4.610  -2.826  1.00 44.91 ? 360  PRO A CG  1 
ATOM   383 C  CD  . PRO A 1 58 ? -15.055 -5.310  -2.449  1.00 45.28 ? 360  PRO A CD  1 
ATOM   384 N  N   . PRO A 1 59 ? -13.680 -1.577  -4.750  1.00 38.21 ? 361  PRO A N   1 
ATOM   385 C  CA  . PRO A 1 59 ? -12.893 -0.384  -4.399  1.00 37.54 ? 361  PRO A CA  1 
ATOM   386 C  C   . PRO A 1 59 ? -13.525 0.397   -3.259  1.00 39.75 ? 361  PRO A C   1 
ATOM   387 O  O   . PRO A 1 59 ? -14.744 0.475   -3.172  1.00 42.33 ? 361  PRO A O   1 
ATOM   388 C  CB  . PRO A 1 59 ? -12.949 0.493   -5.658  1.00 38.30 ? 361  PRO A CB  1 
ATOM   389 C  CG  . PRO A 1 59 ? -13.773 -0.243  -6.665  1.00 40.36 ? 361  PRO A CG  1 
ATOM   390 C  CD  . PRO A 1 59 ? -14.385 -1.455  -6.037  1.00 40.20 ? 361  PRO A CD  1 
ATOM   391 N  N   . LEU A 1 60 ? -12.704 0.982   -2.397  1.00 37.13 ? 362  LEU A N   1 
ATOM   392 C  CA  . LEU A 1 60 ? -13.189 1.913   -1.400  1.00 36.06 ? 362  LEU A CA  1 
ATOM   393 C  C   . LEU A 1 60 ? -13.167 3.299   -2.015  1.00 36.94 ? 362  LEU A C   1 
ATOM   394 O  O   . LEU A 1 60 ? -12.218 3.656   -2.696  1.00 36.51 ? 362  LEU A O   1 
ATOM   395 C  CB  . LEU A 1 60 ? -12.292 1.877   -0.151  1.00 35.76 ? 362  LEU A CB  1 
ATOM   396 C  CG  . LEU A 1 60 ? -12.247 0.510   0.516   1.00 38.07 ? 362  LEU A CG  1 
ATOM   397 C  CD1 . LEU A 1 60 ? -11.357 0.542   1.776   1.00 36.47 ? 362  LEU A CD1 1 
ATOM   398 C  CD2 . LEU A 1 60 ? -13.668 0.066   0.844   1.00 39.71 ? 362  LEU A CD2 1 
ATOM   399 N  N   . SER A 1 61 ? -14.203 4.093   -1.770  1.00 38.17 ? 363  SER A N   1 
ATOM   400 C  CA  . SER A 1 61 ? -14.248 5.420   -2.361  1.00 37.10 ? 363  SER A CA  1 
ATOM   401 C  C   . SER A 1 61 ? -13.515 6.451   -1.504  1.00 37.68 ? 363  SER A C   1 
ATOM   402 O  O   . SER A 1 61 ? -13.305 7.581   -1.935  1.00 40.55 ? 363  SER A O   1 
ATOM   403 C  CB  . SER A 1 61 ? -15.699 5.837   -2.604  1.00 42.91 ? 363  SER A CB  1 
ATOM   404 O  OG  . SER A 1 61 ? -16.360 5.989   -1.359  1.00 48.16 ? 363  SER A OG  1 
ATOM   405 N  N   . SER A 1 62 ? -13.144 6.076   -0.284  1.00 35.37 ? 364  SER A N   1 
ATOM   406 C  CA  . SER A 1 62 ? -12.277 6.906   0.541   1.00 36.05 ? 364  SER A CA  1 
ATOM   407 C  C   . SER A 1 62 ? -11.478 6.071   1.535   1.00 34.37 ? 364  SER A C   1 
ATOM   408 O  O   . SER A 1 62 ? -11.807 4.928   1.801   1.00 34.35 ? 364  SER A O   1 
ATOM   409 C  CB  . SER A 1 62 ? -13.078 7.948   1.318   1.00 40.47 ? 364  SER A CB  1 
ATOM   410 O  OG  . SER A 1 62 ? -13.833 7.323   2.338   1.00 45.31 ? 364  SER A OG  1 
ATOM   411 N  N   . VAL A 1 63 ? -10.426 6.668   2.073   1.00 36.81 ? 365  VAL A N   1 
ATOM   412 C  CA  . VAL A 1 63 ? -9.619  6.049   3.117   1.00 35.25 ? 365  VAL A CA  1 
ATOM   413 C  C   . VAL A 1 63 ? -10.477 5.891   4.383   1.00 35.70 ? 365  VAL A C   1 
ATOM   414 O  O   . VAL A 1 63 ? -11.107 6.849   4.830   1.00 34.04 ? 365  VAL A O   1 
ATOM   415 C  CB  . VAL A 1 63 ? -8.395  6.933   3.423   1.00 37.68 ? 365  VAL A CB  1 
ATOM   416 C  CG1 . VAL A 1 63 ? -7.676  6.459   4.677   1.00 38.15 ? 365  VAL A CG1 1 
ATOM   417 C  CG2 . VAL A 1 63 ? -7.430  6.948   2.236   1.00 37.86 ? 365  VAL A CG2 1 
ATOM   418 N  N   . PRO A 1 64 ? -10.535 4.675   4.945   1.00 33.28 ? 366  PRO A N   1 
ATOM   419 C  CA  . PRO A 1 64 ? -11.372 4.418   6.127   1.00 37.75 ? 366  PRO A CA  1 
ATOM   420 C  C   . PRO A 1 64 ? -11.000 5.292   7.315   1.00 36.52 ? 366  PRO A C   1 
ATOM   421 O  O   . PRO A 1 64 ? -9.837  5.622   7.480   1.00 37.12 ? 366  PRO A O   1 
ATOM   422 C  CB  . PRO A 1 64 ? -11.054 2.968   6.469   1.00 37.68 ? 366  PRO A CB  1 
ATOM   423 C  CG  . PRO A 1 64 ? -10.601 2.371   5.164   1.00 37.12 ? 366  PRO A CG  1 
ATOM   424 C  CD  . PRO A 1 64 ? -9.923  3.447   4.411   1.00 34.58 ? 366  PRO A CD  1 
ATOM   425 N  N   . SER A 1 65 ? -11.973 5.616   8.156   1.00 35.65 ? 367  SER A N   1 
ATOM   426 C  CA  . SER A 1 65 ? -11.722 6.444   9.331   1.00 37.14 ? 367  SER A CA  1 
ATOM   427 C  C   . SER A 1 65 ? -11.227 5.637   10.530  1.00 38.85 ? 367  SER A C   1 
ATOM   428 O  O   . SER A 1 65 ? -10.623 6.189   11.459  1.00 38.46 ? 367  SER A O   1 
ATOM   429 C  CB  . SER A 1 65 ? -13.000 7.177   9.717   1.00 37.66 ? 367  SER A CB  1 
ATOM   430 O  OG  . SER A 1 65 ? -13.303 8.144   8.731   1.00 41.42 ? 367  SER A OG  1 
ATOM   431 N  N   . GLU A 1 66 ? -11.507 4.338   10.523  1.00 39.49 ? 368  GLU A N   1 
ATOM   432 C  CA  . GLU A 1 66 ? -11.075 3.476   11.627  1.00 39.14 ? 368  GLU A CA  1 
ATOM   433 C  C   . GLU A 1 66 ? -9.565  3.503   11.712  1.00 42.08 ? 368  GLU A C   1 
ATOM   434 O  O   . GLU A 1 66 ? -8.885  3.492   10.681  1.00 40.25 ? 368  GLU A O   1 
ATOM   435 C  CB  . GLU A 1 66 ? -11.542 2.031   11.425  1.00 38.52 ? 368  GLU A CB  1 
ATOM   436 C  CG  . GLU A 1 66 ? -13.017 1.816   11.625  1.00 44.51 ? 368  GLU A CG  1 
ATOM   437 C  CD  . GLU A 1 66 ? -13.813 1.902   10.322  1.00 51.61 ? 368  GLU A CD  1 
ATOM   438 O  OE1 . GLU A 1 66 ? -13.362 2.598   9.374   1.00 51.22 ? 368  GLU A OE1 1 
ATOM   439 O  OE2 . GLU A 1 66 ? -14.898 1.269   10.246  1.00 53.39 ? 368  GLU A OE2 1 
ATOM   440 N  N   . ASP A 1 67 ? -9.048  3.524   12.939  1.00 39.14 ? 369  ASP A N   1 
ATOM   441 C  CA  . ASP A 1 67 ? -7.606  3.496   13.196  1.00 41.25 ? 369  ASP A CA  1 
ATOM   442 C  C   . ASP A 1 67 ? -6.881  2.332   12.551  1.00 40.75 ? 369  ASP A C   1 
ATOM   443 O  O   . ASP A 1 67 ? -5.811  2.511   11.984  1.00 41.68 ? 369  ASP A O   1 
ATOM   444 C  CB  . ASP A 1 67 ? -7.326  3.437   14.695  1.00 44.89 ? 369  ASP A CB  1 
ATOM   445 C  CG  . ASP A 1 67 ? -7.338  4.791   15.338  1.00 48.66 ? 369  ASP A CG  1 
ATOM   446 O  OD1 . ASP A 1 67 ? -7.514  5.812   14.617  1.00 52.84 ? 369  ASP A OD1 1 
ATOM   447 O  OD2 . ASP A 1 67 ? -7.170  4.833   16.581  1.00 53.32 ? 369  ASP A OD2 1 
ATOM   448 N  N   . GLU A 1 68 ? -7.441  1.135   12.692  1.00 39.32 ? 370  GLU A N   1 
ATOM   449 C  CA  . GLU A 1 68 ? -6.817  -0.063  12.143  1.00 37.79 ? 370  GLU A CA  1 
ATOM   450 C  C   . GLU A 1 68 ? -7.569  -0.574  10.930  1.00 37.83 ? 370  GLU A C   1 
ATOM   451 O  O   . GLU A 1 68 ? -8.785  -0.415  10.829  1.00 37.97 ? 370  GLU A O   1 
ATOM   452 C  CB  . GLU A 1 68 ? -6.708  -1.144  13.221  1.00 41.39 ? 370  GLU A CB  1 
ATOM   453 C  CG  . GLU A 1 68 ? -5.927  -0.651  14.429  1.00 42.46 ? 370  GLU A CG  1 
ATOM   454 C  CD  . GLU A 1 68 ? -5.433  -1.757  15.328  1.00 49.27 ? 370  GLU A CD  1 
ATOM   455 O  OE1 . GLU A 1 68 ? -6.121  -2.808  15.436  1.00 49.24 ? 370  GLU A OE1 1 
ATOM   456 O  OE2 . GLU A 1 68 ? -4.350  -1.554  15.930  1.00 51.88 ? 370  GLU A OE2 1 
ATOM   457 N  N   . TRP A 1 69 ? -6.837  -1.189  10.004  1.00 34.19 ? 371  TRP A N   1 
ATOM   458 C  CA  . TRP A 1 69 ? -7.435  -1.725  8.797   1.00 34.18 ? 371  TRP A CA  1 
ATOM   459 C  C   . TRP A 1 69 ? -6.669  -2.969  8.387   1.00 33.54 ? 371  TRP A C   1 
ATOM   460 O  O   . TRP A 1 69 ? -5.442  -2.959  8.402   1.00 35.74 ? 371  TRP A O   1 
ATOM   461 C  CB  . TRP A 1 69 ? -7.367  -0.685  7.666   1.00 33.76 ? 371  TRP A CB  1 
ATOM   462 C  CG  . TRP A 1 69 ? -7.829  -1.196  6.337   1.00 33.03 ? 371  TRP A CG  1 
ATOM   463 C  CD1 . TRP A 1 69 ? -9.106  -1.243  5.877   1.00 34.71 ? 371  TRP A CD1 1 
ATOM   464 C  CD2 . TRP A 1 69 ? -7.004  -1.723  5.278   1.00 33.97 ? 371  TRP A CD2 1 
ATOM   465 N  NE1 . TRP A 1 69 ? -9.142  -1.772  4.608   1.00 32.98 ? 371  TRP A NE1 1 
ATOM   466 C  CE2 . TRP A 1 69 ? -7.864  -2.060  4.210   1.00 33.17 ? 371  TRP A CE2 1 
ATOM   467 C  CE3 . TRP A 1 69 ? -5.630  -1.937  5.133   1.00 31.25 ? 371  TRP A CE3 1 
ATOM   468 C  CZ2 . TRP A 1 69 ? -7.395  -2.607  3.019   1.00 31.48 ? 371  TRP A CZ2 1 
ATOM   469 C  CZ3 . TRP A 1 69 ? -5.161  -2.478  3.943   1.00 30.35 ? 371  TRP A CZ3 1 
ATOM   470 C  CH2 . TRP A 1 69 ? -6.046  -2.807  2.906   1.00 29.68 ? 371  TRP A CH2 1 
ATOM   471 N  N   . TYR A 1 70 ? -7.390  -4.021  8.036   1.00 30.94 ? 372  TYR A N   1 
ATOM   472 C  CA  . TYR A 1 70 ? -6.753  -5.274  7.631   1.00 34.61 ? 372  TYR A CA  1 
ATOM   473 C  C   . TYR A 1 70 ? -7.098  -5.620  6.198   1.00 33.48 ? 372  TYR A C   1 
ATOM   474 O  O   . TYR A 1 70 ? -8.260  -5.595  5.808   1.00 34.14 ? 372  TYR A O   1 
ATOM   475 C  CB  . TYR A 1 70 ? -7.098  -6.412  8.617   1.00 36.89 ? 372  TYR A CB  1 
ATOM   476 C  CG  . TYR A 1 70 ? -6.577  -6.078  10.003  1.00 36.40 ? 372  TYR A CG  1 
ATOM   477 C  CD1 . TYR A 1 70 ? -5.315  -6.485  10.412  1.00 37.37 ? 372  TYR A CD1 1 
ATOM   478 C  CD2 . TYR A 1 70 ? -7.327  -5.287  10.868  1.00 41.10 ? 372  TYR A CD2 1 
ATOM   479 C  CE1 . TYR A 1 70 ? -4.827  -6.137  11.659  1.00 39.41 ? 372  TYR A CE1 1 
ATOM   480 C  CE2 . TYR A 1 70 ? -6.852  -4.932  12.116  1.00 40.83 ? 372  TYR A CE2 1 
ATOM   481 C  CZ  . TYR A 1 70 ? -5.601  -5.354  12.503  1.00 41.12 ? 372  TYR A CZ  1 
ATOM   482 O  OH  . TYR A 1 70 ? -5.143  -4.992  13.748  1.00 45.13 ? 372  TYR A OH  1 
ATOM   483 N  N   . CYS A 1 71 ? -6.067  -5.916  5.409   1.00 31.22 ? 373  CYS A N   1 
ATOM   484 C  CA  . CYS A 1 71 ? -6.243  -6.138  3.992   1.00 32.07 ? 373  CYS A CA  1 
ATOM   485 C  C   . CYS A 1 71 ? -6.977  -7.444  3.735   1.00 33.48 ? 373  CYS A C   1 
ATOM   486 O  O   . CYS A 1 71 ? -7.164  -8.246  4.657   1.00 35.15 ? 373  CYS A O   1 
ATOM   487 C  CB  . CYS A 1 71 ? -4.898  -6.114  3.276   1.00 32.99 ? 373  CYS A CB  1 
ATOM   488 S  SG  . CYS A 1 71 ? -3.984  -7.685  3.293   1.00 32.59 ? 373  CYS A SG  1 
ATOM   489 N  N   . PRO A 1 72 ? -7.413  -7.656  2.483   1.00 33.32 ? 374  PRO A N   1 
ATOM   490 C  CA  . PRO A 1 72 ? -8.126  -8.877  2.102   1.00 33.69 ? 374  PRO A CA  1 
ATOM   491 C  C   . PRO A 1 72 ? -7.361  -10.155 2.452   1.00 36.61 ? 374  PRO A C   1 
ATOM   492 O  O   . PRO A 1 72 ? -8.010  -11.180 2.615   1.00 34.89 ? 374  PRO A O   1 
ATOM   493 C  CB  . PRO A 1 72 ? -8.248  -8.754  0.585   1.00 38.14 ? 374  PRO A CB  1 
ATOM   494 C  CG  . PRO A 1 72 ? -8.256  -7.248  0.331   1.00 38.25 ? 374  PRO A CG  1 
ATOM   495 C  CD  . PRO A 1 72 ? -7.298  -6.701  1.359   1.00 34.00 ? 374  PRO A CD  1 
ATOM   496 N  N   . GLU A 1 73 ? -6.034  -10.094 2.562   1.00 34.41 ? 375  GLU A N   1 
ATOM   497 C  CA  . GLU A 1 73 ? -5.226  -11.301 2.798   1.00 33.01 ? 375  GLU A CA  1 
ATOM   498 C  C   . GLU A 1 73 ? -5.064  -11.585 4.281   1.00 34.83 ? 375  GLU A C   1 
ATOM   499 O  O   . GLU A 1 73 ? -4.529  -12.628 4.667   1.00 36.27 ? 375  GLU A O   1 
ATOM   500 C  CB  . GLU A 1 73 ? -3.842  -11.159 2.161   1.00 32.17 ? 375  GLU A CB  1 
ATOM   501 C  CG  . GLU A 1 73 ? -3.873  -10.667 0.719   1.00 35.82 ? 375  GLU A CG  1 
ATOM   502 C  CD  . GLU A 1 73 ? -2.513  -10.715 0.049   1.00 36.60 ? 375  GLU A CD  1 
ATOM   503 O  OE1 . GLU A 1 73 ? -1.544  -11.146 0.694   1.00 36.92 ? 375  GLU A OE1 1 
ATOM   504 O  OE2 . GLU A 1 73 ? -2.427  -10.315 -1.121  1.00 36.86 ? 375  GLU A OE2 1 
ATOM   505 N  N   . CYS A 1 74 ? -5.501  -10.651 5.112   1.00 33.04 ? 376  CYS A N   1 
ATOM   506 C  CA  . CYS A 1 74 ? -5.305  -10.748 6.553   1.00 36.16 ? 376  CYS A CA  1 
ATOM   507 C  C   . CYS A 1 74 ? -6.628  -10.721 7.304   1.00 40.79 ? 376  CYS A C   1 
ATOM   508 O  O   . CYS A 1 74 ? -6.666  -10.953 8.512   1.00 42.98 ? 376  CYS A O   1 
ATOM   509 C  CB  . CYS A 1 74 ? -4.382  -9.632  7.053   1.00 34.80 ? 376  CYS A CB  1 
ATOM   510 S  SG  . CYS A 1 74 ? -2.697  -9.766  6.385   1.00 31.87 ? 376  CYS A SG  1 
ATOM   511 N  N   . ARG A 1 75 ? -7.684  -10.416 6.558   1.00 40.00 ? 377  ARG A N   1 
ATOM   512 C  CA  . ARG A 1 75 ? -9.105  -10.658 6.880   1.00 49.47 ? 377  ARG A CA  1 
ATOM   513 C  C   . ARG A 1 75 ? -9.963  -9.487  6.407   1.00 44.04 ? 377  ARG A C   1 
ATOM   514 O  O   . ARG A 1 75 ? -10.095 -8.497  7.119   1.00 48.50 ? 377  ARG A O   1 
ATOM   515 C  CB  . ARG A 1 75 ? -9.363  -10.970 8.354   1.00 50.87 ? 377  ARG A CB  1 
ATOM   516 C  CG  . ARG A 1 75 ? -9.592  -12.432 8.638   1.00 58.86 ? 377  ARG A CG  1 
ATOM   517 C  CD  . ARG A 1 75 ? -11.024 -12.699 9.107   1.00 57.33 ? 377  ARG A CD  1 
ATOM   518 N  NE  . ARG A 1 75 ? -12.019 -12.610 8.035   1.00 62.97 ? 377  ARG A NE  1 
ATOM   519 C  CZ  . ARG A 1 75 ? -12.063 -13.416 6.973   1.00 66.04 ? 377  ARG A CZ  1 
ATOM   520 N  NH1 . ARG A 1 75 ? -11.144 -14.369 6.809   1.00 68.93 ? 377  ARG A NH1 1 
ATOM   521 N  NH2 . ARG A 1 75 ? -13.021 -13.264 6.061   1.00 66.47 ? 377  ARG A NH2 1 
ATOM   522 N  N   . ALA B 2 1  ? -6.864  4.893   9.623   1.00 44.33 ? 1    ALA B N   1 
ATOM   523 C  CA  . ALA B 2 1  ? -6.036  3.906   8.932   1.00 38.95 ? 1    ALA B CA  1 
ATOM   524 C  C   . ALA B 2 1  ? -4.720  4.537   8.499   1.00 38.28 ? 1    ALA B C   1 
ATOM   525 O  O   . ALA B 2 1  ? -4.660  5.733   8.219   1.00 39.08 ? 1    ALA B O   1 
ATOM   526 C  CB  . ALA B 2 1  ? -6.785  3.332   7.739   1.00 37.91 ? 1    ALA B CB  1 
ATOM   527 N  N   . ARG B 2 2  ? -3.657  3.748   8.463   1.00 35.35 ? 2    ARG B N   1 
ATOM   528 C  CA  . ARG B 2 2  ? -2.372  4.246   7.999   1.00 37.04 ? 2    ARG B CA  1 
ATOM   529 C  C   . ARG B 2 2  ? -2.346  4.265   6.484   1.00 33.52 ? 2    ARG B C   1 
ATOM   530 O  O   . ARG B 2 2  ? -2.911  3.393   5.854   1.00 34.90 ? 2    ARG B O   1 
ATOM   531 C  CB  . ARG B 2 2  ? -1.239  3.350   8.463   1.00 37.98 ? 2    ARG B CB  1 
ATOM   532 C  CG  . ARG B 2 2  ? -1.024  3.330   9.957   1.00 44.54 ? 2    ARG B CG  1 
ATOM   533 C  CD  . ARG B 2 2  ? 0.204   2.506   10.208  1.00 45.57 ? 2    ARG B CD  1 
ATOM   534 N  NE  . ARG B 2 2  ? -0.041  1.141   9.772   1.00 45.97 ? 2    ARG B NE  1 
ATOM   535 C  CZ  . ARG B 2 2  ? 0.881   0.345   9.250   1.00 44.90 ? 2    ARG B CZ  1 
ATOM   536 N  NH1 . ARG B 2 2  ? 2.130   0.773   9.073   1.00 46.97 ? 2    ARG B NH1 1 
ATOM   537 N  NH2 . ARG B 2 2  ? 0.540   -0.875  8.885   1.00 41.82 ? 2    ARG B NH2 1 
ATOM   538 N  N   . THR B 2 3  ? -1.669  5.248   5.911   1.00 36.19 ? 3    THR B N   1 
ATOM   539 C  CA  . THR B 2 3  ? -1.398  5.253   4.480   1.00 32.52 ? 3    THR B CA  1 
ATOM   540 C  C   . THR B 2 3  ? 0.104   5.300   4.250   1.00 34.58 ? 3    THR B C   1 
ATOM   541 O  O   . THR B 2 3  ? 0.865   5.552   5.172   1.00 36.58 ? 3    THR B O   1 
ATOM   542 C  CB  . THR B 2 3  ? -2.044  6.435   3.782   1.00 35.15 ? 3    THR B CB  1 
ATOM   543 O  OG1 . THR B 2 3  ? -1.401  7.637   4.221   1.00 37.78 ? 3    THR B OG1 1 
ATOM   544 C  CG2 . THR B 2 3  ? -3.521  6.493   4.110   1.00 35.84 ? 3    THR B CG2 1 
ATOM   545 N  N   . LYS B 2 4  ? 0.535   5.032   3.023   1.00 32.65 ? 4    LYS B N   1 
ATOM   546 C  CA  . LYS B 2 4  ? 1.941   5.148   2.662   1.00 37.28 ? 4    LYS B CA  1 
ATOM   547 C  C   . LYS B 2 4  ? 2.450   6.526   3.020   1.00 39.57 ? 4    LYS B C   1 
ATOM   548 O  O   . LYS B 2 4  ? 3.618   6.708   3.371   1.00 42.15 ? 4    LYS B O   1 
ATOM   549 C  CB  . LYS B 2 4  ? 2.143   4.932   1.160   1.00 35.55 ? 4    LYS B CB  1 
ATOM   550 C  CG  . LYS B 2 4  ? 2.776   3.644   0.812   1.00 39.70 ? 4    LYS B CG  1 
ATOM   551 C  CD  . LYS B 2 4  ? 4.186   3.600   1.346   1.00 40.13 ? 4    LYS B CD  1 
ATOM   552 C  CE  . LYS B 2 4  ? 4.885   2.353   0.878   1.00 42.33 ? 4    LYS B CE  1 
ATOM   553 N  NZ  . LYS B 2 4  ? 4.315   1.141   1.500   1.00 43.53 ? 4    LYS B NZ  1 
ATOM   554 N  N   . GLN B 2 5  ? 1.568   7.505   2.922   1.00 37.54 ? 5    GLN B N   1 
ATOM   555 C  CA  . GLN B 2 5  ? 1.973   8.868   3.189   1.00 44.43 ? 5    GLN B CA  1 
ATOM   556 C  C   . GLN B 2 5  ? 2.294   9.075   4.666   1.00 45.34 ? 5    GLN B C   1 
ATOM   557 O  O   . GLN B 2 5  ? 3.279   9.723   5.005   1.00 47.84 ? 5    GLN B O   1 
ATOM   558 C  CB  . GLN B 2 5  ? 0.918   9.850   2.716   1.00 42.91 ? 5    GLN B CB  1 
ATOM   559 C  CG  . GLN B 2 5  ? 1.265   11.252  3.083   1.00 46.61 ? 5    GLN B CG  1 
ATOM   560 C  CD  . GLN B 2 5  ? 0.181   12.201  2.712   1.00 50.89 ? 5    GLN B CD  1 
ATOM   561 O  OE1 . GLN B 2 5  ? -0.986  12.018  3.093   1.00 48.99 ? 5    GLN B OE1 1 
ATOM   562 N  NE2 . GLN B 2 5  ? 0.543   13.235  1.951   1.00 54.67 ? 5    GLN B NE2 1 
ATOM   563 N  N   . THR B 2 6  ? 1.483   8.499   5.546   1.00 44.99 ? 6    THR B N   1 
ATOM   564 C  CA  . THR B 2 6  ? 1.695   8.697   6.973   1.00 47.63 ? 6    THR B CA  1 
ATOM   565 C  C   . THR B 2 6  ? 2.668   7.672   7.559   1.00 49.11 ? 6    THR B C   1 
ATOM   566 O  O   . THR B 2 6  ? 3.218   7.880   8.637   1.00 51.64 ? 6    THR B O   1 
ATOM   567 C  CB  . THR B 2 6  ? 0.363   8.724   7.762   1.00 48.13 ? 6    THR B CB  1 
ATOM   568 O  OG1 . THR B 2 6  ? -0.285  7.443   7.688   1.00 42.78 ? 6    THR B OG1 1 
ATOM   569 C  CG2 . THR B 2 6  ? -0.551  9.803   7.209   1.00 44.70 ? 6    THR B CG2 1 
ATOM   570 N  N   . ALA B 2 7  ? 2.896   6.582   6.835   1.00 46.55 ? 7    ALA B N   1 
ATOM   571 C  CA  . ALA B 2 7  ? 3.864   5.574   7.252   1.00 49.58 ? 7    ALA B CA  1 
ATOM   572 C  C   . ALA B 2 7  ? 5.292   6.098   7.063   1.00 53.19 ? 7    ALA B C   1 
ATOM   573 O  O   . ALA B 2 7  ? 5.492   7.242   6.612   1.00 57.48 ? 7    ALA B O   1 
ATOM   574 C  CB  . ALA B 2 7  ? 3.648   4.257   6.475   1.00 45.32 ? 7    ALA B CB  1 
HETATM 575 ZN ZN  . ZN  C 3 .  ? 9.967   -2.535  -3.829  0.86 37.51 ? 1001 ZN  A ZN  1 
HETATM 576 ZN ZN  . ZN  D 3 .  ? -2.858  -0.185  -6.931  0.79 32.78 ? 1002 ZN  A ZN  1 
HETATM 577 ZN ZN  . ZN  E 3 .  ? -2.544  -7.759  5.191   0.81 35.49 ? 1003 ZN  A ZN  1 
HETATM 578 ZN ZN  . ZN  F 3 .  ? -0.312  -10.939 -1.393  0.85 35.95 ? 1004 ZN  A ZN  1 
HETATM 579 O  O   . HOH G 4 .  ? 3.163   -3.010  -0.369  1.00 29.59 ? 2001 HOH A O   1 
HETATM 580 O  O   . HOH G 4 .  ? 4.307   3.982   -10.089 1.00 32.90 ? 2002 HOH A O   1 
HETATM 581 O  O   . HOH G 4 .  ? -2.005  1.760   -10.904 1.00 32.78 ? 2003 HOH A O   1 
HETATM 582 O  O   . HOH G 4 .  ? 0.477   -9.896  2.392   1.00 34.02 ? 2005 HOH A O   1 
HETATM 583 O  O   . HOH G 4 .  ? 4.280   -9.006  5.326   1.00 32.53 ? 2006 HOH A O   1 
HETATM 584 O  O   . HOH G 4 .  ? 4.138   3.661   -2.921  1.00 39.28 ? 2007 HOH A O   1 
HETATM 585 O  O   . HOH G 4 .  ? 0.101   1.190   -12.567 1.00 39.15 ? 2008 HOH A O   1 
HETATM 586 O  O   . HOH G 4 .  ? 6.554   3.013   -10.858 1.00 38.67 ? 2009 HOH A O   1 
HETATM 587 O  O   . HOH G 4 .  ? 0.920   10.547  -6.799  1.00 39.22 ? 2010 HOH A O   1 
HETATM 588 O  O   . HOH G 4 .  ? -11.237 -2.744  -8.293  1.00 42.28 ? 2011 HOH A O   1 
HETATM 589 O  O   . HOH G 4 .  ? -1.072  -13.462 1.931   1.00 35.79 ? 2012 HOH A O   1 
HETATM 590 O  O   . HOH G 4 .  ? 6.405   -6.653  -7.801  1.00 37.25 ? 2013 HOH A O   1 
HETATM 591 O  O   . HOH G 4 .  ? -3.762  -7.452  -8.975  1.00 40.74 ? 2014 HOH A O   1 
HETATM 592 O  O   . HOH G 4 .  ? -9.868  9.558   1.194   1.00 38.87 ? 2015 HOH A O   1 
HETATM 593 O  O   . HOH G 4 .  ? 4.335   -9.196  0.468   1.00 37.80 ? 2016 HOH A O   1 
HETATM 594 O  O   . HOH G 4 .  ? 14.626  5.861   -8.005  1.00 43.24 ? 2017 HOH A O   1 
HETATM 595 O  O   . HOH G 4 .  ? 0.426   -1.352  -12.824 1.00 37.84 ? 2019 HOH A O   1 
HETATM 596 O  O   . HOH G 4 .  ? 14.860  5.239   -12.349 1.00 43.48 ? 2020 HOH A O   1 
HETATM 597 O  O   . HOH G 4 .  ? -10.941 1.023   -9.517  1.00 35.61 ? 2021 HOH A O   1 
HETATM 598 O  O   . HOH G 4 .  ? -6.224  10.350  -6.316  1.00 49.51 ? 2022 HOH A O   1 
HETATM 599 O  O   . HOH G 4 .  ? 8.102   -1.958  -13.750 1.00 41.54 ? 2023 HOH A O   1 
HETATM 600 O  O   . HOH G 4 .  ? -13.787 3.798   3.110   1.00 42.73 ? 2024 HOH A O   1 
HETATM 601 O  O   . HOH G 4 .  ? -11.217 -3.383  1.913   1.00 39.71 ? 2025 HOH A O   1 
HETATM 602 O  O   . HOH G 4 .  ? 12.341  -9.723  0.598   1.00 41.98 ? 2026 HOH A O   1 
HETATM 603 O  O   . HOH G 4 .  ? -11.630 4.684   -5.004  1.00 39.61 ? 2027 HOH A O   1 
HETATM 604 O  O   . HOH G 4 .  ? 4.616   6.740   -10.033 1.00 43.40 ? 2029 HOH A O   1 
HETATM 605 O  O   . HOH G 4 .  ? 6.666   2.624   -2.192  1.00 44.17 ? 2030 HOH A O   1 
HETATM 606 O  O   . HOH G 4 .  ? 10.932  1.464   -1.995  1.00 46.93 ? 2031 HOH A O   1 
HETATM 607 O  O   . HOH G 4 .  ? -15.825 -4.340  -7.816  1.00 51.74 ? 2033 HOH A O   1 
HETATM 608 O  O   . HOH G 4 .  ? -12.487 -2.221  4.215   1.00 41.99 ? 2034 HOH A O   1 
HETATM 609 O  O   . HOH G 4 .  ? 3.283   -10.134 2.729   1.00 33.38 ? 2035 HOH A O   1 
HETATM 610 O  O   . HOH G 4 .  ? -16.303 -6.807  -7.811  1.00 52.37 ? 2036 HOH A O   1 
HETATM 611 O  O   . HOH G 4 .  ? -13.298 3.664   -6.673  0.50 37.64 ? 2037 HOH A O   1 
HETATM 612 O  O   . HOH G 4 .  ? 7.719   4.344   -3.668  1.00 45.96 ? 2038 HOH A O   1 
HETATM 613 O  O   . HOH G 4 .  ? 9.254   -5.975  -7.202  1.00 42.26 ? 2039 HOH A O   1 
HETATM 614 O  O   . HOH G 4 .  ? 1.891   3.582   -11.779 1.00 40.54 ? 2040 HOH A O   1 
HETATM 615 O  O   . HOH G 4 .  ? 2.293   -3.329  11.310  1.00 48.93 ? 2041 HOH A O   1 
HETATM 616 O  O   . HOH G 4 .  ? -12.738 -3.588  -0.305  1.00 43.03 ? 2042 HOH A O   1 
HETATM 617 O  O   . HOH G 4 .  ? 4.630   6.254   -2.643  1.00 46.51 ? 2043 HOH A O   1 
HETATM 618 O  O   . HOH G 4 .  ? 16.138  -1.769  -9.902  1.00 45.71 ? 2044 HOH A O   1 
HETATM 619 O  O   . HOH G 4 .  ? 17.039  4.684   -7.946  1.00 49.72 ? 2045 HOH A O   1 
HETATM 620 O  O   . HOH G 4 .  ? 7.316   -3.167  2.075   1.00 36.48 ? 2046 HOH A O   1 
HETATM 621 O  O   . HOH G 4 .  ? -2.625  12.288  -7.455  1.00 42.12 ? 2047 HOH A O   1 
HETATM 622 O  O   . HOH G 4 .  ? 0.118   -1.394  12.740  1.00 48.78 ? 2048 HOH A O   1 
HETATM 623 O  O   . HOH G 4 .  ? -3.699  11.494  -4.271  1.00 42.96 ? 2049 HOH A O   1 
HETATM 624 O  O   . HOH G 4 .  ? -4.629  -9.583  -2.615  1.00 45.80 ? 2050 HOH A O   1 
HETATM 625 O  O   . HOH G 4 .  ? 15.160  -0.974  -12.093 1.00 37.88 ? 2051 HOH A O   1 
HETATM 626 O  O   . HOH G 4 .  ? 18.300  0.151   -9.223  1.00 48.12 ? 2052 HOH A O   1 
HETATM 627 O  O   . HOH G 4 .  ? 13.600  -11.749 -0.481  1.00 46.80 ? 2053 HOH A O   1 
HETATM 628 O  O   . HOH G 4 .  ? -11.695 -4.534  6.244   1.00 50.75 ? 2054 HOH A O   1 
HETATM 629 O  O   . HOH G 4 .  ? -10.317 -4.149  8.317   1.00 42.90 ? 2055 HOH A O   1 
HETATM 630 O  O   . HOH G 4 .  ? 12.541  -2.106  4.790   1.00 55.09 ? 2057 HOH A O   1 
HETATM 631 O  O   . HOH G 4 .  ? 8.628   2.922   -16.179 1.00 48.28 ? 2058 HOH A O   1 
HETATM 632 O  O   . HOH G 4 .  ? -13.953 -9.447  7.079   1.00 61.94 ? 2059 HOH A O   1 
HETATM 633 O  O   . HOH G 4 .  ? -8.826  -6.913  -3.168  1.00 41.67 ? 2060 HOH A O   1 
HETATM 634 O  O   . HOH G 4 .  ? -4.647  -9.729  13.585  1.00 54.57 ? 2061 HOH A O   1 
HETATM 635 O  O   . HOH G 4 .  ? -7.734  -8.752  12.746  1.00 51.73 ? 2062 HOH A O   1 
HETATM 636 O  O   . HOH G 4 .  ? 7.854   5.382   -14.503 1.00 53.46 ? 2063 HOH A O   1 
HETATM 637 O  O   . HOH G 4 .  ? -16.055 3.207   -5.706  0.50 47.52 ? 2064 HOH A O   1 
HETATM 638 O  O   . HOH G 4 .  ? 6.397   7.253   -12.375 1.00 52.92 ? 2065 HOH A O   1 
HETATM 639 O  O   . HOH G 4 .  ? 9.770   0.757   1.268   1.00 51.10 ? 2066 HOH A O   1 
HETATM 640 O  O   . HOH H 4 .  ? -4.133  1.053   8.666   1.00 36.17 ? 2004 HOH B O   1 
HETATM 641 O  O   . HOH H 4 .  ? 4.195   -1.610  1.914   1.00 37.30 ? 2018 HOH B O   1 
HETATM 642 O  O   . HOH H 4 .  ? -7.792  7.369   9.035   1.00 48.50 ? 2028 HOH B O   1 
HETATM 643 O  O   . HOH H 4 .  ? -5.957  6.377   11.979  1.00 50.96 ? 2032 HOH B O   1 
HETATM 644 O  O   . HOH H 4 .  ? -3.523  5.887   12.190  1.00 53.50 ? 2056 HOH B O   1 
# 
